data_2BKZ
#
_entry.id   2BKZ
#
_cell.length_a   183.862
_cell.length_b   183.862
_cell.length_c   214.572
_cell.angle_alpha   90.00
_cell.angle_beta   90.00
_cell.angle_gamma   120.00
#
_symmetry.space_group_name_H-M   'P 62 2 2'
#
loop_
_entity.id
_entity.type
_entity.pdbx_description
1 polymer 'CELL DIVISION PROTEIN KINASE 2'
2 polymer 'CYCLIN A2'
3 non-polymer 1-[4-(AMINOSULFONYL)PHENYL]-1,6-DIHYDROPYRAZOLO[3,4-E]INDAZOLE-3-CARBOXAMIDE
4 non-polymer 'SULFATE ION'
5 water water
#
loop_
_entity_poly.entity_id
_entity_poly.type
_entity_poly.pdbx_seq_one_letter_code
_entity_poly.pdbx_strand_id
1 'polypeptide(L)'
;GPLVDMENFQKVEKIGEGTYGVVYKARNKLTGEVVALKKIRLDTETEGVPSTAIREISLLKELNHPNIVKLLDVIHTENK
LYLVFEFLHQDLKKFMDASALTGIPLPLIKSYLFQLLQGLAFCHSHRVLHRDLKPQNLLINTEGAIKLADFGLARAFGVP
VRTYTHEVVTLWYRAPEILLGCKYYSTAVDIWSLGCIFAEMVTRRALFPGDSEIDQLFRIFRTLGTPDEVVWPGVTSMPD
YKPSFPKWARQDFSKVVPPLDEDGRSLLSQMLHYDPNKRISAKAALAHPFFQDVTKPVPHLRLERPHRD
;
A,C
2 'polypeptide(L)'
;GPLGSNEVPDYHEDIHTYLREMEVKCKPKVGYMKKQPDITNSMRAILVDWLVEVGEEYKLQNETLHLAVNYIDRFLSSMS
VLRGKLQLVGTAAMLLASKFEEIYPPEVAEFVYITDDTYTKKQVLRMEHLVLKVLTFDLAAPTVNQFLTQYFLHQQPANC
KVESLAMFLGELSLIDADPYLKYLPSVIAGAAFHLALYTVTGQSWPESLIRKTGYTLESLKPCLMDLHQTYLKAPQHAQQ
SIREKYKNSKYHGVSLLNPPETLNL
;
B,D
#
loop_
_chem_comp.id
_chem_comp.type
_chem_comp.name
_chem_comp.formula
SBC non-polymer 1-[4-(AMINOSULFONYL)PHENYL]-1,6-DIHYDROPYRAZOLO[3,4-E]INDAZOLE-3-CARBOXAMIDE 'C15 H12 N6 O3 S'
SO4 non-polymer 'SULFATE ION' 'O4 S -2'
#
# COMPACT_ATOMS: atom_id res chain seq x y z
N PRO A 2 0.61 7.66 15.80
CA PRO A 2 -0.83 7.61 16.18
C PRO A 2 -1.23 8.86 16.98
N LEU A 3 -0.47 9.12 18.05
CA LEU A 3 -0.68 10.27 18.92
C LEU A 3 -0.39 11.55 18.14
N VAL A 4 0.49 11.42 17.15
CA VAL A 4 0.87 12.54 16.30
C VAL A 4 -0.32 12.90 15.43
N ASP A 5 -0.82 11.91 14.69
CA ASP A 5 -1.97 12.13 13.82
C ASP A 5 -3.10 12.82 14.57
N MET A 6 -3.43 12.28 15.73
CA MET A 6 -4.51 12.82 16.55
C MET A 6 -4.31 14.27 16.93
N GLU A 7 -3.05 14.70 17.01
CA GLU A 7 -2.74 16.07 17.37
C GLU A 7 -3.11 17.01 16.22
N ASN A 8 -3.12 16.49 14.99
CA ASN A 8 -3.47 17.31 13.83
C ASN A 8 -4.96 17.56 13.73
N PHE A 9 -5.72 16.96 14.63
CA PHE A 9 -7.17 17.15 14.63
C PHE A 9 -7.66 18.10 15.71
N GLN A 10 -8.59 18.97 15.31
CA GLN A 10 -9.18 19.92 16.23
C GLN A 10 -10.65 19.48 16.42
N LYS A 11 -11.02 19.11 17.65
CA LYS A 11 -12.40 18.71 17.89
C LYS A 11 -13.24 19.97 17.79
N VAL A 12 -14.34 19.92 17.05
CA VAL A 12 -15.20 21.08 16.91
C VAL A 12 -16.37 20.95 17.88
N GLU A 13 -17.10 19.85 17.80
CA GLU A 13 -18.23 19.61 18.67
C GLU A 13 -18.74 18.17 18.57
N LYS A 14 -19.34 17.70 19.64
CA LYS A 14 -19.92 16.36 19.67
C LYS A 14 -21.19 16.44 18.84
N ILE A 15 -21.43 15.45 17.97
CA ILE A 15 -22.64 15.49 17.15
C ILE A 15 -23.47 14.22 17.32
N GLY A 16 -22.93 13.24 18.03
CA GLY A 16 -23.65 12.00 18.24
C GLY A 16 -23.00 11.12 19.29
N GLU A 17 -23.78 10.24 19.91
CA GLU A 17 -23.28 9.33 20.94
C GLU A 17 -23.95 7.97 20.84
N GLY A 18 -23.54 7.06 21.71
CA GLY A 18 -24.12 5.72 21.71
C GLY A 18 -23.24 4.73 22.46
N THR A 19 -23.52 3.44 22.26
CA THR A 19 -22.74 2.39 22.92
C THR A 19 -21.35 2.30 22.30
N TYR A 20 -21.27 2.54 21.00
CA TYR A 20 -20.01 2.51 20.28
C TYR A 20 -19.00 3.50 20.86
N GLY A 21 -19.52 4.68 21.22
CA GLY A 21 -18.68 5.70 21.78
C GLY A 21 -19.27 7.06 21.47
N VAL A 22 -18.57 7.84 20.66
CA VAL A 22 -19.04 9.19 20.31
C VAL A 22 -18.56 9.59 18.93
N VAL A 23 -19.34 10.43 18.27
CA VAL A 23 -18.98 10.94 16.94
C VAL A 23 -18.82 12.47 17.06
N TYR A 24 -17.61 12.97 16.82
CA TYR A 24 -17.36 14.40 16.88
C TYR A 24 -17.15 14.96 15.49
N LYS A 25 -17.36 16.26 15.36
CA LYS A 25 -17.10 16.94 14.11
C LYS A 25 -15.72 17.47 14.43
N ALA A 26 -14.79 17.35 13.49
CA ALA A 26 -13.45 17.83 13.75
C ALA A 26 -12.85 18.44 12.49
N ARG A 27 -11.73 19.14 12.66
CA ARG A 27 -11.07 19.79 11.56
C ARG A 27 -9.58 19.44 11.53
N ASN A 28 -9.08 19.13 10.34
CA ASN A 28 -7.66 18.81 10.17
C ASN A 28 -6.95 20.17 10.24
N LYS A 29 -6.15 20.38 11.28
CA LYS A 29 -5.45 21.65 11.46
C LYS A 29 -4.48 22.03 10.33
N LEU A 30 -3.90 21.04 9.66
CA LEU A 30 -2.94 21.34 8.61
C LEU A 30 -3.54 21.51 7.22
N THR A 31 -4.60 20.77 6.93
CA THR A 31 -5.22 20.84 5.61
C THR A 31 -6.55 21.58 5.61
N GLY A 32 -7.12 21.76 6.78
CA GLY A 32 -8.40 22.44 6.91
C GLY A 32 -9.60 21.56 6.61
N GLU A 33 -9.34 20.31 6.20
CA GLU A 33 -10.42 19.40 5.87
C GLU A 33 -11.35 19.13 7.04
N VAL A 34 -12.65 19.24 6.81
CA VAL A 34 -13.62 18.97 7.87
C VAL A 34 -13.91 17.49 7.85
N VAL A 35 -14.02 16.90 9.03
CA VAL A 35 -14.19 15.47 9.11
C VAL A 35 -15.05 15.03 10.30
N ALA A 36 -15.44 13.77 10.31
CA ALA A 36 -16.22 13.21 11.42
C ALA A 36 -15.36 12.16 12.11
N LEU A 37 -15.21 12.30 13.42
CA LEU A 37 -14.42 11.36 14.20
C LEU A 37 -15.31 10.52 15.09
N LYS A 38 -15.26 9.20 14.90
CA LYS A 38 -16.04 8.32 15.74
C LYS A 38 -15.06 7.71 16.74
N LYS A 39 -15.14 8.16 17.99
CA LYS A 39 -14.24 7.69 19.03
C LYS A 39 -14.78 6.43 19.66
N ILE A 40 -13.88 5.48 19.92
CA ILE A 40 -14.27 4.22 20.54
C ILE A 40 -13.29 3.96 21.69
N ARG A 41 -13.79 3.95 22.92
CA ARG A 41 -12.91 3.69 24.07
C ARG A 41 -12.71 2.17 24.18
N LEU A 42 -11.46 1.73 24.24
CA LEU A 42 -11.16 0.30 24.31
C LEU A 42 -11.09 -0.25 25.74
N ASP A 43 -10.73 0.59 26.70
CA ASP A 43 -10.62 0.16 28.08
C ASP A 43 -11.98 0.04 28.76
N THR A 44 -13.04 0.21 27.97
CA THR A 44 -14.40 0.13 28.49
C THR A 44 -14.82 -1.29 28.83
N GLU A 45 -14.51 -2.24 27.95
CA GLU A 45 -14.87 -3.65 28.19
C GLU A 45 -13.69 -4.61 28.14
N THR A 46 -12.48 -4.08 28.03
CA THR A 46 -11.25 -4.87 27.96
C THR A 46 -11.43 -6.23 27.28
N GLU A 47 -11.77 -6.18 26.00
CA GLU A 47 -11.97 -7.37 25.19
C GLU A 47 -11.32 -7.14 23.84
N GLY A 48 -10.54 -6.06 23.75
CA GLY A 48 -9.86 -5.71 22.51
C GLY A 48 -10.68 -4.81 21.61
N VAL A 49 -10.36 -4.79 20.33
CA VAL A 49 -11.10 -3.99 19.38
C VAL A 49 -12.46 -4.65 19.15
N PRO A 50 -13.55 -3.91 19.40
CA PRO A 50 -14.93 -4.37 19.26
C PRO A 50 -15.26 -4.94 17.89
N SER A 51 -16.10 -5.97 17.87
CA SER A 51 -16.52 -6.62 16.63
C SER A 51 -17.10 -5.60 15.66
N THR A 52 -17.86 -4.65 16.19
CA THR A 52 -18.48 -3.62 15.37
C THR A 52 -17.44 -2.78 14.63
N ALA A 53 -16.33 -2.48 15.30
CA ALA A 53 -15.28 -1.69 14.67
C ALA A 53 -14.58 -2.57 13.63
N ILE A 54 -14.29 -3.81 14.01
CA ILE A 54 -13.66 -4.77 13.11
C ILE A 54 -14.45 -4.87 11.81
N ARG A 55 -15.77 -5.00 11.93
CA ARG A 55 -16.60 -5.14 10.75
C ARG A 55 -16.81 -3.85 9.97
N GLU A 56 -17.05 -2.75 10.69
CA GLU A 56 -17.25 -1.48 10.01
C GLU A 56 -16.01 -1.06 9.23
N ILE A 57 -14.84 -1.12 9.88
CA ILE A 57 -13.61 -0.73 9.22
C ILE A 57 -13.26 -1.62 8.04
N SER A 58 -13.17 -2.93 8.28
CA SER A 58 -12.79 -3.86 7.21
C SER A 58 -13.75 -3.87 6.04
N LEU A 59 -15.04 -3.76 6.29
CA LEU A 59 -15.99 -3.80 5.19
C LEU A 59 -16.11 -2.44 4.50
N LEU A 60 -16.14 -1.39 5.29
CA LEU A 60 -16.28 -0.05 4.74
C LEU A 60 -15.08 0.36 3.90
N LYS A 61 -13.88 -0.10 4.26
CA LYS A 61 -12.71 0.28 3.48
C LYS A 61 -12.66 -0.44 2.15
N GLU A 62 -13.61 -1.34 1.92
CA GLU A 62 -13.70 -2.08 0.66
C GLU A 62 -14.83 -1.48 -0.18
N LEU A 63 -15.58 -0.55 0.39
CA LEU A 63 -16.71 0.05 -0.31
C LEU A 63 -16.49 1.52 -0.64
N ASN A 64 -16.07 1.79 -1.87
CA ASN A 64 -15.85 3.17 -2.28
C ASN A 64 -16.96 3.49 -3.26
N HIS A 65 -17.92 4.30 -2.82
CA HIS A 65 -19.06 4.65 -3.65
C HIS A 65 -19.59 5.98 -3.14
N PRO A 66 -20.16 6.79 -4.04
CA PRO A 66 -20.71 8.10 -3.68
C PRO A 66 -21.82 8.06 -2.64
N ASN A 67 -22.58 6.97 -2.65
CA ASN A 67 -23.69 6.84 -1.70
C ASN A 67 -23.41 5.97 -0.48
N ILE A 68 -22.13 5.87 -0.13
CA ILE A 68 -21.71 5.11 1.05
C ILE A 68 -20.70 6.01 1.78
N VAL A 69 -20.94 6.25 3.06
CA VAL A 69 -20.06 7.13 3.80
C VAL A 69 -18.61 6.66 3.64
N LYS A 70 -17.73 7.61 3.36
CA LYS A 70 -16.33 7.31 3.14
C LYS A 70 -15.52 7.29 4.42
N LEU A 71 -14.75 6.21 4.60
CA LEU A 71 -13.90 6.06 5.77
C LEU A 71 -12.53 6.57 5.30
N LEU A 72 -12.11 7.69 5.88
CA LEU A 72 -10.86 8.32 5.49
C LEU A 72 -9.64 7.78 6.22
N ASP A 73 -9.82 7.29 7.44
CA ASP A 73 -8.66 6.85 8.18
C ASP A 73 -9.03 6.14 9.48
N VAL A 74 -8.02 5.54 10.11
CA VAL A 74 -8.21 4.83 11.36
C VAL A 74 -6.99 5.08 12.23
N ILE A 75 -7.19 5.67 13.40
CA ILE A 75 -6.07 5.91 14.29
C ILE A 75 -6.27 5.01 15.51
N HIS A 76 -5.28 4.15 15.75
CA HIS A 76 -5.32 3.19 16.85
C HIS A 76 -4.23 3.52 17.87
N THR A 77 -4.58 4.24 18.93
CA THR A 77 -3.61 4.58 19.95
C THR A 77 -3.57 3.44 20.96
N GLU A 78 -3.12 3.73 22.17
CA GLU A 78 -3.04 2.72 23.22
C GLU A 78 -4.42 2.40 23.79
N ASN A 79 -5.18 3.45 24.09
CA ASN A 79 -6.51 3.27 24.68
C ASN A 79 -7.69 3.63 23.80
N LYS A 80 -7.45 4.34 22.71
CA LYS A 80 -8.56 4.71 21.84
C LYS A 80 -8.42 4.27 20.39
N LEU A 81 -9.54 4.09 19.74
CA LEU A 81 -9.59 3.73 18.34
C LEU A 81 -10.45 4.80 17.69
N TYR A 82 -9.92 5.48 16.69
CA TYR A 82 -10.68 6.54 16.02
C TYR A 82 -10.93 6.20 14.57
N LEU A 83 -12.19 6.33 14.15
CA LEU A 83 -12.53 6.11 12.76
C LEU A 83 -12.79 7.51 12.21
N VAL A 84 -12.08 7.85 11.13
CA VAL A 84 -12.21 9.16 10.51
C VAL A 84 -13.04 9.03 9.23
N PHE A 85 -14.16 9.76 9.16
CA PHE A 85 -15.04 9.73 8.00
C PHE A 85 -15.25 11.10 7.37
N GLU A 86 -15.72 11.10 6.13
CA GLU A 86 -16.04 12.35 5.48
C GLU A 86 -17.15 12.92 6.38
N PHE A 87 -17.38 14.22 6.34
CA PHE A 87 -18.41 14.80 7.18
C PHE A 87 -19.71 15.11 6.44
N LEU A 88 -20.83 14.76 7.06
CA LEU A 88 -22.13 15.05 6.49
C LEU A 88 -22.95 15.75 7.56
N HIS A 89 -23.76 16.72 7.13
CA HIS A 89 -24.54 17.55 8.04
C HIS A 89 -25.63 16.93 8.90
N GLN A 90 -26.32 15.92 8.41
CA GLN A 90 -27.43 15.40 9.20
C GLN A 90 -27.91 14.02 8.77
N ASP A 91 -28.66 13.34 9.65
CA ASP A 91 -29.20 12.02 9.32
C ASP A 91 -30.65 12.17 8.84
N LEU A 92 -31.14 11.16 8.12
CA LEU A 92 -32.50 11.21 7.56
C LEU A 92 -33.60 11.28 8.60
N LYS A 93 -33.34 10.76 9.80
CA LYS A 93 -34.34 10.79 10.83
C LYS A 93 -34.61 12.24 11.26
N LYS A 94 -33.55 12.96 11.59
CA LYS A 94 -33.64 14.35 12.00
C LYS A 94 -34.33 15.18 10.90
N PHE A 95 -33.99 14.89 9.66
CA PHE A 95 -34.58 15.59 8.53
C PHE A 95 -36.07 15.29 8.42
N MET A 96 -36.44 14.04 8.62
CA MET A 96 -37.85 13.68 8.53
C MET A 96 -38.65 14.39 9.60
N ASP A 97 -38.09 14.49 10.82
CA ASP A 97 -38.78 15.18 11.90
C ASP A 97 -38.99 16.64 11.53
N ALA A 98 -37.93 17.28 11.05
CA ALA A 98 -37.98 18.69 10.66
C ALA A 98 -38.88 18.93 9.46
N SER A 99 -39.25 17.87 8.75
CA SER A 99 -40.10 18.00 7.58
C SER A 99 -41.54 17.56 7.86
N ALA A 100 -41.85 17.30 9.12
CA ALA A 100 -43.18 16.84 9.48
C ALA A 100 -44.30 17.75 8.95
N LEU A 101 -44.16 19.04 9.22
CA LEU A 101 -45.15 20.03 8.79
C LEU A 101 -45.40 20.09 7.29
N THR A 102 -44.32 20.26 6.52
CA THR A 102 -44.45 20.37 5.07
C THR A 102 -44.33 19.04 4.33
N GLY A 103 -43.59 18.09 4.93
CA GLY A 103 -43.39 16.82 4.28
C GLY A 103 -42.25 16.94 3.28
N ILE A 104 -41.55 15.83 3.03
CA ILE A 104 -40.45 15.83 2.08
C ILE A 104 -41.03 15.74 0.68
N PRO A 105 -40.67 16.69 -0.20
CA PRO A 105 -41.16 16.72 -1.59
C PRO A 105 -40.92 15.38 -2.27
N LEU A 106 -41.91 14.93 -3.04
CA LEU A 106 -41.76 13.65 -3.74
C LEU A 106 -40.53 13.59 -4.64
N PRO A 107 -40.17 14.71 -5.28
CA PRO A 107 -38.99 14.64 -6.14
C PRO A 107 -37.73 14.31 -5.35
N LEU A 108 -37.64 14.85 -4.14
CA LEU A 108 -36.47 14.59 -3.29
C LEU A 108 -36.53 13.16 -2.73
N ILE A 109 -37.73 12.70 -2.41
CA ILE A 109 -37.92 11.35 -1.91
C ILE A 109 -37.44 10.37 -2.99
N LYS A 110 -37.78 10.67 -4.22
CA LYS A 110 -37.39 9.83 -5.33
C LYS A 110 -35.87 9.82 -5.47
N SER A 111 -35.27 11.00 -5.37
CA SER A 111 -33.83 11.12 -5.49
C SER A 111 -33.12 10.31 -4.39
N TYR A 112 -33.53 10.50 -3.14
CA TYR A 112 -32.93 9.79 -2.02
C TYR A 112 -33.06 8.28 -2.18
N LEU A 113 -34.25 7.80 -2.52
CA LEU A 113 -34.47 6.37 -2.67
C LEU A 113 -33.60 5.83 -3.80
N PHE A 114 -33.45 6.65 -4.84
CA PHE A 114 -32.63 6.27 -5.98
C PHE A 114 -31.17 6.10 -5.58
N GLN A 115 -30.66 7.03 -4.77
CA GLN A 115 -29.27 6.96 -4.33
C GLN A 115 -29.06 5.85 -3.33
N LEU A 116 -30.02 5.66 -2.41
CA LEU A 116 -29.91 4.61 -1.41
C LEU A 116 -29.80 3.26 -2.11
N LEU A 117 -30.59 3.06 -3.16
CA LEU A 117 -30.56 1.82 -3.90
C LEU A 117 -29.21 1.66 -4.62
N GLN A 118 -28.63 2.77 -5.06
CA GLN A 118 -27.33 2.69 -5.74
C GLN A 118 -26.27 2.24 -4.73
N GLY A 119 -26.27 2.85 -3.55
CA GLY A 119 -25.31 2.46 -2.53
C GLY A 119 -25.55 1.02 -2.08
N LEU A 120 -26.80 0.66 -1.89
CA LEU A 120 -27.13 -0.68 -1.45
C LEU A 120 -26.71 -1.70 -2.51
N ALA A 121 -26.99 -1.41 -3.77
CA ALA A 121 -26.63 -2.33 -4.85
C ALA A 121 -25.14 -2.56 -4.83
N PHE A 122 -24.38 -1.49 -4.59
CA PHE A 122 -22.92 -1.58 -4.53
C PHE A 122 -22.49 -2.50 -3.38
N CYS A 123 -23.13 -2.32 -2.22
CA CYS A 123 -22.84 -3.15 -1.06
C CYS A 123 -23.06 -4.62 -1.40
N HIS A 124 -24.27 -4.93 -1.86
CA HIS A 124 -24.64 -6.30 -2.19
C HIS A 124 -23.78 -6.94 -3.28
N SER A 125 -23.40 -6.19 -4.31
CA SER A 125 -22.59 -6.78 -5.36
C SER A 125 -21.15 -6.98 -4.87
N HIS A 126 -20.88 -6.49 -3.66
CA HIS A 126 -19.57 -6.64 -3.04
C HIS A 126 -19.71 -7.48 -1.79
N ARG A 127 -20.73 -8.35 -1.81
CA ARG A 127 -21.05 -9.28 -0.73
C ARG A 127 -21.10 -8.72 0.68
N VAL A 128 -21.67 -7.52 0.81
CA VAL A 128 -21.83 -6.91 2.14
C VAL A 128 -23.30 -6.66 2.43
N LEU A 129 -23.75 -7.06 3.61
CA LEU A 129 -25.13 -6.85 4.03
C LEU A 129 -25.08 -5.74 5.07
N HIS A 130 -25.93 -4.74 4.94
CA HIS A 130 -25.93 -3.65 5.92
C HIS A 130 -26.58 -4.15 7.20
N ARG A 131 -27.79 -4.69 7.09
CA ARG A 131 -28.55 -5.24 8.21
C ARG A 131 -29.14 -4.30 9.24
N ASP A 132 -28.89 -3.00 9.11
CA ASP A 132 -29.42 -2.06 10.08
C ASP A 132 -29.80 -0.75 9.40
N LEU A 133 -30.45 -0.86 8.25
CA LEU A 133 -30.87 0.32 7.52
C LEU A 133 -32.08 0.96 8.15
N LYS A 134 -31.87 2.13 8.72
CA LYS A 134 -32.93 2.89 9.36
C LYS A 134 -32.57 4.37 9.18
N PRO A 135 -33.57 5.25 9.21
CA PRO A 135 -33.37 6.69 9.05
C PRO A 135 -32.13 7.33 9.71
N GLN A 136 -31.86 7.02 10.98
CA GLN A 136 -30.71 7.62 11.64
C GLN A 136 -29.34 7.10 11.15
N ASN A 137 -29.32 6.07 10.33
CA ASN A 137 -28.06 5.55 9.80
C ASN A 137 -27.86 5.99 8.35
N LEU A 138 -28.72 6.90 7.90
CA LEU A 138 -28.62 7.42 6.53
C LEU A 138 -28.25 8.91 6.62
N LEU A 139 -27.12 9.28 6.02
CA LEU A 139 -26.64 10.64 6.07
C LEU A 139 -26.87 11.47 4.81
N ILE A 140 -27.17 12.75 5.00
CA ILE A 140 -27.43 13.66 3.89
C ILE A 140 -26.66 14.98 4.04
N ASN A 141 -26.34 15.60 2.90
CA ASN A 141 -25.63 16.86 2.91
C ASN A 141 -26.54 17.93 2.29
N THR A 142 -26.03 19.15 2.18
CA THR A 142 -26.81 20.25 1.61
C THR A 142 -26.94 20.19 0.09
N GLU A 143 -26.13 19.37 -0.57
CA GLU A 143 -26.18 19.25 -2.03
C GLU A 143 -27.25 18.31 -2.55
N GLY A 144 -27.91 17.59 -1.65
CA GLY A 144 -28.95 16.67 -2.07
C GLY A 144 -28.46 15.23 -2.18
N ALA A 145 -27.32 14.96 -1.58
CA ALA A 145 -26.78 13.61 -1.61
C ALA A 145 -27.15 12.88 -0.32
N ILE A 146 -27.26 11.56 -0.41
CA ILE A 146 -27.56 10.75 0.76
C ILE A 146 -26.66 9.49 0.72
N LYS A 147 -26.11 9.10 1.86
CA LYS A 147 -25.21 7.96 1.92
C LYS A 147 -25.48 6.98 3.08
N LEU A 148 -25.23 5.69 2.82
CA LEU A 148 -25.42 4.68 3.86
C LEU A 148 -24.30 4.84 4.88
N ALA A 149 -24.61 4.68 6.14
CA ALA A 149 -23.60 4.82 7.17
C ALA A 149 -23.83 3.80 8.28
N ASP A 150 -22.91 3.78 9.23
CA ASP A 150 -22.95 2.88 10.37
C ASP A 150 -22.98 1.41 9.95
N PHE A 151 -21.81 0.88 9.58
CA PHE A 151 -21.69 -0.51 9.17
C PHE A 151 -21.23 -1.41 10.32
N GLY A 152 -21.55 -1.00 11.54
CA GLY A 152 -21.17 -1.77 12.71
C GLY A 152 -21.78 -3.16 12.79
N LEU A 153 -22.97 -3.31 12.21
CA LEU A 153 -23.65 -4.60 12.20
C LEU A 153 -23.58 -5.22 10.82
N ALA A 154 -22.78 -4.63 9.94
CA ALA A 154 -22.64 -5.12 8.57
C ALA A 154 -21.91 -6.46 8.58
N ARG A 155 -22.22 -7.31 7.59
CA ARG A 155 -21.58 -8.61 7.50
C ARG A 155 -21.26 -9.00 6.09
N ALA A 156 -20.11 -9.65 5.91
CA ALA A 156 -19.70 -10.11 4.59
C ALA A 156 -20.46 -11.42 4.42
N PHE A 157 -21.00 -11.69 3.23
CA PHE A 157 -21.71 -12.95 3.06
C PHE A 157 -21.17 -13.85 1.95
N GLY A 158 -19.85 -13.95 1.84
CA GLY A 158 -19.27 -14.84 0.86
C GLY A 158 -19.71 -16.23 1.29
N VAL A 159 -20.06 -16.31 2.57
CA VAL A 159 -20.55 -17.50 3.23
C VAL A 159 -21.83 -17.00 3.93
N PRO A 160 -22.97 -17.66 3.68
CA PRO A 160 -24.26 -17.27 4.29
C PRO A 160 -24.21 -16.85 5.76
N VAL A 161 -24.85 -15.72 6.06
CA VAL A 161 -24.88 -15.16 7.41
C VAL A 161 -26.03 -15.70 8.28
N ARG A 162 -25.65 -16.40 9.35
CA ARG A 162 -26.62 -16.97 10.27
C ARG A 162 -27.37 -15.90 11.06
N THR A 163 -28.66 -16.14 11.29
CA THR A 163 -29.49 -15.20 12.03
C THR A 163 -29.25 -15.28 13.52
N TYR A 164 -29.17 -14.11 14.13
CA TYR A 164 -28.95 -14.00 15.56
C TYR A 164 -30.14 -14.59 16.30
N THR A 165 -29.88 -15.46 17.27
CA THR A 165 -30.95 -16.05 18.05
C THR A 165 -31.75 -14.85 18.57
N HIS A 166 -31.01 -13.82 18.97
CA HIS A 166 -31.60 -12.57 19.45
C HIS A 166 -31.35 -11.53 18.37
N GLU A 167 -32.32 -11.42 17.44
CA GLU A 167 -32.25 -10.49 16.31
C GLU A 167 -31.65 -9.12 16.62
N VAL A 168 -31.03 -8.52 15.60
CA VAL A 168 -30.37 -7.24 15.78
C VAL A 168 -30.97 -6.06 14.97
N VAL A 169 -31.57 -6.36 13.82
CA VAL A 169 -32.20 -5.33 12.99
C VAL A 169 -33.30 -4.62 13.77
N THR A 170 -33.28 -3.28 13.81
CA THR A 170 -34.29 -2.50 14.53
C THR A 170 -35.69 -3.01 14.18
N LEU A 171 -36.52 -3.23 15.20
CA LEU A 171 -37.86 -3.79 15.02
C LEU A 171 -38.73 -3.23 13.91
N TRP A 172 -38.95 -1.91 13.90
CA TRP A 172 -39.78 -1.29 12.87
C TRP A 172 -39.34 -1.58 11.44
N TYR A 173 -38.07 -1.82 11.24
CA TYR A 173 -37.56 -2.05 9.91
C TYR A 173 -37.11 -3.49 9.67
N ARG A 174 -37.49 -4.39 10.56
CA ARG A 174 -37.15 -5.79 10.47
C ARG A 174 -38.04 -6.56 9.48
N ALA A 175 -37.40 -7.29 8.57
CA ALA A 175 -38.12 -8.07 7.55
C ALA A 175 -38.89 -9.24 8.16
N PRO A 176 -40.03 -9.61 7.55
CA PRO A 176 -40.84 -10.71 8.05
C PRO A 176 -40.13 -12.07 8.17
N GLU A 177 -39.26 -12.40 7.22
CA GLU A 177 -38.52 -13.67 7.26
C GLU A 177 -37.80 -13.78 8.59
N ILE A 178 -37.23 -12.65 9.02
CA ILE A 178 -36.50 -12.62 10.28
C ILE A 178 -37.42 -12.86 11.46
N LEU A 179 -38.56 -12.16 11.45
CA LEU A 179 -39.54 -12.28 12.52
C LEU A 179 -40.05 -13.72 12.60
N LEU A 180 -40.15 -14.38 11.44
CA LEU A 180 -40.64 -15.75 11.40
C LEU A 180 -39.54 -16.77 11.67
N GLY A 181 -38.36 -16.29 12.05
CA GLY A 181 -37.24 -17.15 12.37
C GLY A 181 -36.46 -17.85 11.27
N CYS A 182 -36.23 -17.18 10.15
CA CYS A 182 -35.48 -17.78 9.05
C CYS A 182 -34.06 -18.07 9.54
N LYS A 183 -33.40 -19.04 8.90
CA LYS A 183 -32.06 -19.45 9.28
C LYS A 183 -30.95 -18.47 8.88
N TYR A 184 -31.07 -17.90 7.69
CA TYR A 184 -30.06 -16.98 7.19
C TYR A 184 -30.61 -15.65 6.75
N TYR A 185 -29.78 -14.62 6.78
CA TYR A 185 -30.18 -13.31 6.29
C TYR A 185 -29.96 -13.41 4.79
N SER A 186 -30.39 -12.40 4.05
CA SER A 186 -30.18 -12.38 2.61
C SER A 186 -30.22 -10.90 2.26
N THR A 187 -29.87 -10.58 1.01
CA THR A 187 -29.90 -9.19 0.61
C THR A 187 -31.30 -8.60 0.76
N ALA A 188 -32.31 -9.48 0.74
CA ALA A 188 -33.71 -9.06 0.85
C ALA A 188 -34.07 -8.29 2.12
N VAL A 189 -33.43 -8.59 3.23
CA VAL A 189 -33.74 -7.87 4.46
C VAL A 189 -33.36 -6.39 4.37
N ASP A 190 -32.33 -6.07 3.59
CA ASP A 190 -31.93 -4.68 3.43
C ASP A 190 -32.96 -3.97 2.54
N ILE A 191 -33.42 -4.64 1.49
CA ILE A 191 -34.42 -4.06 0.60
C ILE A 191 -35.71 -3.79 1.37
N TRP A 192 -36.10 -4.72 2.24
CA TRP A 192 -37.29 -4.54 3.03
C TRP A 192 -37.18 -3.26 3.86
N SER A 193 -36.04 -3.08 4.53
CA SER A 193 -35.82 -1.89 5.35
C SER A 193 -35.97 -0.63 4.53
N LEU A 194 -35.40 -0.65 3.33
CA LEU A 194 -35.47 0.50 2.43
C LEU A 194 -36.93 0.78 2.06
N GLY A 195 -37.71 -0.29 1.86
CA GLY A 195 -39.12 -0.12 1.53
C GLY A 195 -39.85 0.59 2.65
N CYS A 196 -39.60 0.16 3.88
CA CYS A 196 -40.24 0.78 5.03
C CYS A 196 -39.86 2.25 5.12
N ILE A 197 -38.62 2.55 4.77
CA ILE A 197 -38.14 3.91 4.83
C ILE A 197 -38.76 4.73 3.71
N PHE A 198 -38.91 4.11 2.54
CA PHE A 198 -39.50 4.80 1.41
C PHE A 198 -40.89 5.27 1.82
N ALA A 199 -41.73 4.34 2.25
CA ALA A 199 -43.09 4.66 2.70
C ALA A 199 -43.11 5.72 3.81
N GLU A 200 -42.22 5.58 4.79
CA GLU A 200 -42.17 6.54 5.89
C GLU A 200 -41.96 7.95 5.37
N MET A 201 -41.06 8.12 4.40
CA MET A 201 -40.82 9.46 3.86
C MET A 201 -42.06 9.98 3.16
N VAL A 202 -42.75 9.09 2.45
CA VAL A 202 -43.95 9.47 1.72
C VAL A 202 -45.14 9.87 2.59
N THR A 203 -45.41 9.12 3.65
CA THR A 203 -46.55 9.37 4.52
C THR A 203 -46.28 10.19 5.78
N ARG A 204 -45.02 10.34 6.15
CA ARG A 204 -44.64 11.06 7.37
C ARG A 204 -44.89 10.24 8.62
N ARG A 205 -45.17 8.95 8.46
CA ARG A 205 -45.37 8.07 9.59
C ARG A 205 -44.71 6.72 9.31
N ALA A 206 -44.14 6.12 10.34
CA ALA A 206 -43.49 4.82 10.19
C ALA A 206 -44.52 3.84 9.63
N LEU A 207 -44.09 2.98 8.73
CA LEU A 207 -44.99 2.02 8.12
C LEU A 207 -45.45 0.91 9.08
N PHE A 208 -44.51 0.31 9.80
CA PHE A 208 -44.84 -0.78 10.72
C PHE A 208 -44.20 -0.54 12.08
N PRO A 209 -44.76 0.36 12.88
CA PRO A 209 -44.20 0.66 14.20
C PRO A 209 -44.66 -0.34 15.27
N GLY A 210 -44.00 -1.50 15.31
CA GLY A 210 -44.37 -2.51 16.28
C GLY A 210 -43.84 -2.27 17.68
N ASP A 211 -44.55 -2.80 18.67
CA ASP A 211 -44.20 -2.68 20.07
C ASP A 211 -43.38 -3.89 20.50
N SER A 212 -43.57 -4.99 19.77
CA SER A 212 -42.87 -6.24 20.06
C SER A 212 -42.73 -7.03 18.77
N GLU A 213 -42.04 -8.16 18.84
CA GLU A 213 -41.86 -9.00 17.66
C GLU A 213 -43.19 -9.43 17.09
N ILE A 214 -44.05 -9.98 17.93
CA ILE A 214 -45.36 -10.43 17.49
C ILE A 214 -46.21 -9.25 17.01
N ASP A 215 -46.11 -8.11 17.70
CA ASP A 215 -46.89 -6.93 17.30
C ASP A 215 -46.39 -6.40 15.96
N GLN A 216 -45.08 -6.45 15.78
CA GLN A 216 -44.44 -6.01 14.53
C GLN A 216 -44.98 -6.89 13.39
N LEU A 217 -44.89 -8.20 13.60
CA LEU A 217 -45.35 -9.18 12.63
C LEU A 217 -46.81 -8.92 12.23
N PHE A 218 -47.68 -8.76 13.23
CA PHE A 218 -49.10 -8.54 12.97
C PHE A 218 -49.42 -7.24 12.27
N ARG A 219 -48.67 -6.18 12.54
CA ARG A 219 -48.92 -4.91 11.86
C ARG A 219 -48.62 -5.09 10.39
N ILE A 220 -47.65 -5.94 10.09
CA ILE A 220 -47.30 -6.22 8.70
C ILE A 220 -48.43 -7.01 8.08
N PHE A 221 -48.86 -8.07 8.75
CA PHE A 221 -49.94 -8.93 8.24
C PHE A 221 -51.19 -8.12 7.97
N ARG A 222 -51.48 -7.23 8.92
CA ARG A 222 -52.64 -6.37 8.87
C ARG A 222 -52.62 -5.43 7.66
N THR A 223 -51.43 -5.09 7.19
CA THR A 223 -51.32 -4.19 6.03
C THR A 223 -51.15 -4.92 4.71
N LEU A 224 -50.30 -5.94 4.69
CA LEU A 224 -50.01 -6.68 3.47
C LEU A 224 -50.77 -8.00 3.34
N GLY A 225 -51.56 -8.32 4.36
CA GLY A 225 -52.32 -9.56 4.35
C GLY A 225 -51.50 -10.67 4.99
N THR A 226 -52.16 -11.62 5.62
CA THR A 226 -51.43 -12.73 6.23
C THR A 226 -51.00 -13.64 5.09
N PRO A 227 -49.69 -13.86 4.97
CA PRO A 227 -49.12 -14.71 3.92
C PRO A 227 -49.49 -16.18 4.05
N ASP A 228 -49.65 -16.85 2.92
CA ASP A 228 -49.98 -18.27 2.90
C ASP A 228 -49.02 -18.96 1.94
N GLU A 229 -49.07 -20.29 1.91
CA GLU A 229 -48.20 -21.07 1.04
C GLU A 229 -48.18 -20.61 -0.42
N VAL A 230 -49.30 -20.05 -0.88
CA VAL A 230 -49.37 -19.58 -2.27
C VAL A 230 -48.53 -18.32 -2.48
N VAL A 231 -48.74 -17.33 -1.61
CA VAL A 231 -48.02 -16.07 -1.68
C VAL A 231 -46.53 -16.27 -1.39
N TRP A 232 -46.24 -17.11 -0.40
CA TRP A 232 -44.88 -17.35 0.03
C TRP A 232 -44.65 -18.82 0.39
N PRO A 233 -44.33 -19.64 -0.62
CA PRO A 233 -44.09 -21.07 -0.39
C PRO A 233 -43.13 -21.29 0.77
N GLY A 234 -43.58 -22.02 1.78
CA GLY A 234 -42.74 -22.30 2.92
C GLY A 234 -43.08 -21.55 4.20
N VAL A 235 -43.85 -20.46 4.10
CA VAL A 235 -44.17 -19.68 5.29
C VAL A 235 -44.62 -20.53 6.46
N THR A 236 -45.65 -21.35 6.22
CA THR A 236 -46.23 -22.21 7.26
C THR A 236 -45.23 -23.17 7.90
N SER A 237 -44.12 -23.39 7.23
CA SER A 237 -43.10 -24.31 7.74
C SER A 237 -42.02 -23.63 8.56
N MET A 238 -41.98 -22.30 8.53
CA MET A 238 -40.97 -21.55 9.27
C MET A 238 -41.10 -21.71 10.77
N PRO A 239 -39.96 -21.68 11.47
CA PRO A 239 -39.86 -21.83 12.92
C PRO A 239 -40.96 -21.16 13.74
N ASP A 240 -40.95 -19.84 13.75
CA ASP A 240 -41.91 -19.07 14.52
C ASP A 240 -43.28 -18.81 13.88
N TYR A 241 -43.62 -19.57 12.84
CA TYR A 241 -44.92 -19.39 12.21
C TYR A 241 -45.95 -20.25 12.95
N LYS A 242 -47.07 -19.63 13.31
CA LYS A 242 -48.15 -20.34 14.00
C LYS A 242 -49.40 -20.36 13.12
N PRO A 243 -50.01 -21.54 12.92
CA PRO A 243 -51.21 -21.66 12.10
C PRO A 243 -52.39 -20.90 12.73
N SER A 244 -52.23 -20.58 14.01
CA SER A 244 -53.25 -19.84 14.75
C SER A 244 -53.18 -18.33 14.45
N PHE A 245 -52.31 -17.95 13.51
CA PHE A 245 -52.20 -16.53 13.18
C PHE A 245 -53.49 -16.05 12.54
N PRO A 246 -53.95 -14.87 12.94
CA PRO A 246 -55.18 -14.29 12.39
C PRO A 246 -54.98 -14.19 10.87
N LYS A 247 -56.05 -14.35 10.10
CA LYS A 247 -55.89 -14.24 8.66
C LYS A 247 -56.44 -12.91 8.14
N TRP A 248 -55.56 -11.92 8.03
CA TRP A 248 -55.93 -10.61 7.54
C TRP A 248 -55.82 -10.53 6.02
N ALA A 249 -56.50 -9.56 5.43
CA ALA A 249 -56.47 -9.38 3.98
C ALA A 249 -55.57 -8.21 3.59
N ARG A 250 -54.96 -8.31 2.41
CA ARG A 250 -54.07 -7.26 1.93
C ARG A 250 -54.83 -5.94 1.74
N GLN A 251 -54.44 -4.91 2.48
CA GLN A 251 -55.05 -3.59 2.35
C GLN A 251 -54.74 -3.08 0.95
N ASP A 252 -55.55 -2.13 0.49
CA ASP A 252 -55.36 -1.54 -0.83
C ASP A 252 -54.18 -0.57 -0.77
N PHE A 253 -53.13 -0.83 -1.54
CA PHE A 253 -51.93 0.02 -1.51
C PHE A 253 -52.15 1.50 -1.69
N SER A 254 -53.15 1.88 -2.48
CA SER A 254 -53.41 3.29 -2.71
C SER A 254 -53.79 3.98 -1.41
N LYS A 255 -54.23 3.18 -0.43
CA LYS A 255 -54.61 3.71 0.87
C LYS A 255 -53.48 3.62 1.89
N VAL A 256 -52.49 2.80 1.59
CA VAL A 256 -51.33 2.65 2.48
C VAL A 256 -50.35 3.79 2.22
N VAL A 257 -50.16 4.15 0.95
CA VAL A 257 -49.28 5.24 0.57
C VAL A 257 -49.99 6.14 -0.43
N PRO A 258 -51.07 6.79 0.03
CA PRO A 258 -51.91 7.70 -0.77
C PRO A 258 -51.22 8.66 -1.74
N PRO A 259 -50.12 9.29 -1.34
CA PRO A 259 -49.41 10.23 -2.22
C PRO A 259 -48.67 9.64 -3.42
N LEU A 260 -48.50 8.32 -3.46
CA LEU A 260 -47.78 7.72 -4.57
C LEU A 260 -48.67 7.44 -5.77
N ASP A 261 -48.05 7.42 -6.94
CA ASP A 261 -48.73 7.15 -8.20
C ASP A 261 -48.60 5.65 -8.48
N GLU A 262 -48.99 5.25 -9.70
CA GLU A 262 -48.93 3.85 -10.09
C GLU A 262 -47.50 3.27 -9.98
N ASP A 263 -46.52 3.99 -10.50
CA ASP A 263 -45.14 3.52 -10.44
C ASP A 263 -44.66 3.37 -9.00
N GLY A 264 -44.85 4.42 -8.21
CA GLY A 264 -44.45 4.41 -6.82
C GLY A 264 -45.04 3.24 -6.05
N ARG A 265 -46.32 2.98 -6.26
CA ARG A 265 -46.98 1.88 -5.56
C ARG A 265 -46.39 0.54 -6.02
N SER A 266 -46.10 0.46 -7.32
CA SER A 266 -45.53 -0.75 -7.90
C SER A 266 -44.19 -1.08 -7.24
N LEU A 267 -43.27 -0.11 -7.25
CA LEU A 267 -41.95 -0.30 -6.66
C LEU A 267 -42.02 -0.73 -5.20
N LEU A 268 -42.75 0.05 -4.39
CA LEU A 268 -42.87 -0.26 -2.96
C LEU A 268 -43.42 -1.65 -2.70
N SER A 269 -44.40 -2.09 -3.49
CA SER A 269 -44.96 -3.42 -3.24
C SER A 269 -43.93 -4.49 -3.59
N GLN A 270 -43.11 -4.22 -4.60
CA GLN A 270 -42.06 -5.17 -4.96
C GLN A 270 -40.98 -5.22 -3.89
N MET A 271 -40.77 -4.10 -3.19
CA MET A 271 -39.78 -4.06 -2.12
C MET A 271 -40.32 -4.67 -0.82
N LEU A 272 -41.63 -4.79 -0.72
CA LEU A 272 -42.24 -5.35 0.48
C LEU A 272 -42.82 -6.74 0.21
N HIS A 273 -42.46 -7.30 -0.94
CA HIS A 273 -42.90 -8.62 -1.33
C HIS A 273 -42.54 -9.61 -0.20
N TYR A 274 -43.47 -10.50 0.18
CA TYR A 274 -43.24 -11.46 1.25
C TYR A 274 -42.11 -12.46 1.05
N ASP A 275 -42.17 -13.20 -0.05
CA ASP A 275 -41.14 -14.20 -0.34
C ASP A 275 -39.82 -13.49 -0.63
N PRO A 276 -38.82 -13.61 0.28
CA PRO A 276 -37.55 -12.93 0.02
C PRO A 276 -36.90 -13.28 -1.32
N ASN A 277 -37.14 -14.49 -1.80
CA ASN A 277 -36.57 -14.90 -3.08
C ASN A 277 -37.17 -14.08 -4.21
N LYS A 278 -38.39 -13.58 -3.99
CA LYS A 278 -39.05 -12.78 -5.02
C LYS A 278 -39.02 -11.28 -4.76
N ARG A 279 -38.62 -10.87 -3.55
CA ARG A 279 -38.51 -9.46 -3.22
C ARG A 279 -37.51 -8.88 -4.18
N ILE A 280 -37.84 -7.74 -4.79
CA ILE A 280 -36.97 -7.09 -5.76
C ILE A 280 -35.57 -6.78 -5.22
N SER A 281 -34.58 -6.80 -6.11
CA SER A 281 -33.20 -6.50 -5.75
C SER A 281 -32.92 -5.01 -5.97
N ALA A 282 -31.91 -4.48 -5.29
CA ALA A 282 -31.57 -3.07 -5.46
C ALA A 282 -31.22 -2.79 -6.93
N LYS A 283 -30.53 -3.75 -7.54
CA LYS A 283 -30.13 -3.65 -8.94
C LYS A 283 -31.38 -3.46 -9.81
N ALA A 284 -32.33 -4.38 -9.68
CA ALA A 284 -33.57 -4.31 -10.46
C ALA A 284 -34.43 -3.09 -10.11
N ALA A 285 -34.50 -2.74 -8.83
CA ALA A 285 -35.26 -1.59 -8.39
C ALA A 285 -34.82 -0.34 -9.15
N LEU A 286 -33.51 -0.19 -9.34
CA LEU A 286 -32.97 0.97 -10.05
C LEU A 286 -33.49 1.11 -11.47
N ALA A 287 -33.88 -0.01 -12.07
CA ALA A 287 -34.39 0.02 -13.43
C ALA A 287 -35.89 0.30 -13.48
N HIS A 288 -36.54 0.24 -12.33
CA HIS A 288 -37.98 0.48 -12.27
C HIS A 288 -38.35 1.84 -12.87
N PRO A 289 -39.45 1.91 -13.63
CA PRO A 289 -39.92 3.14 -14.26
C PRO A 289 -40.14 4.31 -13.31
N PHE A 290 -40.30 4.01 -12.02
CA PHE A 290 -40.49 5.05 -11.01
C PHE A 290 -39.34 6.07 -11.04
N PHE A 291 -38.15 5.62 -11.43
CA PHE A 291 -36.97 6.49 -11.47
C PHE A 291 -36.72 7.08 -12.86
N GLN A 292 -37.70 6.91 -13.75
CA GLN A 292 -37.63 7.39 -15.12
C GLN A 292 -37.22 8.86 -15.18
N ASP A 293 -37.79 9.67 -14.29
CA ASP A 293 -37.54 11.10 -14.26
C ASP A 293 -36.76 11.62 -13.05
N VAL A 294 -36.04 10.74 -12.36
CA VAL A 294 -35.32 11.17 -11.18
C VAL A 294 -34.44 12.39 -11.43
N THR A 295 -34.24 13.18 -10.39
CA THR A 295 -33.41 14.40 -10.44
C THR A 295 -32.72 14.53 -9.09
N LYS A 296 -31.91 15.57 -8.91
CA LYS A 296 -31.19 15.73 -7.65
C LYS A 296 -31.49 17.05 -6.94
N PRO A 297 -32.68 17.14 -6.33
CA PRO A 297 -33.11 18.34 -5.60
C PRO A 297 -32.26 18.55 -4.35
N VAL A 298 -32.15 19.79 -3.90
CA VAL A 298 -31.37 20.06 -2.70
C VAL A 298 -32.38 20.24 -1.57
N PRO A 299 -32.12 19.64 -0.41
CA PRO A 299 -33.04 19.75 0.72
C PRO A 299 -32.91 21.06 1.47
N HIS A 300 -33.98 21.41 2.18
CA HIS A 300 -33.96 22.61 3.00
C HIS A 300 -33.49 22.09 4.36
N LEU A 301 -32.18 22.10 4.58
CA LEU A 301 -31.67 21.63 5.86
C LEU A 301 -31.70 22.79 6.84
N ARG A 302 -32.36 22.58 7.97
CA ARG A 302 -32.47 23.60 9.00
C ARG A 302 -31.31 23.40 9.96
N LEU A 303 -30.10 23.59 9.44
CA LEU A 303 -28.90 23.43 10.23
C LEU A 303 -28.72 24.56 11.23
N PRO B 9 -30.04 -16.16 -6.18
CA PRO B 9 -29.64 -14.75 -6.03
C PRO B 9 -29.06 -14.24 -7.33
N ASP B 10 -29.07 -12.92 -7.54
CA ASP B 10 -28.53 -12.39 -8.78
C ASP B 10 -27.33 -11.47 -8.66
N TYR B 11 -26.68 -11.48 -7.51
CA TYR B 11 -25.47 -10.71 -7.26
C TYR B 11 -24.37 -11.76 -7.33
N HIS B 12 -24.84 -13.01 -7.42
CA HIS B 12 -24.01 -14.19 -7.50
C HIS B 12 -22.79 -13.96 -8.40
N GLU B 13 -23.04 -13.51 -9.62
CA GLU B 13 -21.97 -13.27 -10.59
C GLU B 13 -21.07 -12.11 -10.21
N ASP B 14 -21.67 -10.97 -9.85
CA ASP B 14 -20.88 -9.81 -9.46
C ASP B 14 -20.00 -10.15 -8.27
N ILE B 15 -20.52 -11.00 -7.38
CA ILE B 15 -19.77 -11.39 -6.19
C ILE B 15 -18.61 -12.33 -6.49
N HIS B 16 -18.83 -13.29 -7.38
CA HIS B 16 -17.78 -14.22 -7.74
C HIS B 16 -16.66 -13.40 -8.37
N THR B 17 -17.04 -12.53 -9.29
CA THR B 17 -16.07 -11.68 -9.96
C THR B 17 -15.28 -10.84 -8.97
N TYR B 18 -15.97 -10.37 -7.93
CA TYR B 18 -15.30 -9.56 -6.92
C TYR B 18 -14.36 -10.39 -6.05
N LEU B 19 -14.81 -11.59 -5.68
CA LEU B 19 -13.98 -12.46 -4.86
C LEU B 19 -12.73 -12.85 -5.64
N ARG B 20 -12.90 -13.12 -6.93
CA ARG B 20 -11.78 -13.48 -7.77
C ARG B 20 -10.81 -12.31 -7.80
N GLU B 21 -11.33 -11.09 -7.82
CA GLU B 21 -10.50 -9.89 -7.81
C GLU B 21 -9.75 -9.77 -6.49
N MET B 22 -10.46 -9.94 -5.39
CA MET B 22 -9.87 -9.81 -4.07
C MET B 22 -8.90 -10.90 -3.65
N GLU B 23 -9.11 -12.13 -4.12
CA GLU B 23 -8.23 -13.22 -3.72
C GLU B 23 -6.82 -13.00 -4.24
N VAL B 24 -6.70 -12.29 -5.36
CA VAL B 24 -5.40 -11.99 -5.93
C VAL B 24 -4.64 -10.93 -5.12
N LYS B 25 -5.35 -10.23 -4.24
CA LYS B 25 -4.72 -9.19 -3.43
C LYS B 25 -4.35 -9.63 -2.00
N CYS B 26 -5.22 -10.39 -1.35
CA CYS B 26 -4.94 -10.88 0.01
C CYS B 26 -3.94 -12.03 -0.05
N LYS B 27 -3.24 -12.13 -1.17
CA LYS B 27 -2.28 -13.22 -1.42
C LYS B 27 -0.94 -13.02 -0.70
N PRO B 28 -0.58 -13.99 0.16
CA PRO B 28 0.68 -13.96 0.93
C PRO B 28 1.85 -14.38 0.07
N LYS B 29 3.07 -14.05 0.51
CA LYS B 29 4.27 -14.40 -0.24
C LYS B 29 4.44 -15.92 -0.25
N VAL B 30 4.40 -16.51 -1.44
CA VAL B 30 4.51 -17.96 -1.57
C VAL B 30 5.74 -18.55 -0.87
N GLY B 31 6.87 -17.85 -0.92
CA GLY B 31 8.07 -18.37 -0.29
C GLY B 31 8.49 -17.73 1.02
N TYR B 32 7.54 -17.19 1.77
CA TYR B 32 7.88 -16.55 3.04
C TYR B 32 8.56 -17.46 4.08
N MET B 33 8.23 -18.74 4.08
CA MET B 33 8.79 -19.65 5.07
C MET B 33 10.30 -19.82 5.00
N LYS B 34 10.85 -19.83 3.79
CA LYS B 34 12.30 -19.97 3.64
C LYS B 34 13.01 -18.74 4.22
N LYS B 35 12.28 -17.63 4.30
CA LYS B 35 12.82 -16.38 4.82
C LYS B 35 12.59 -16.23 6.32
N GLN B 36 11.84 -17.15 6.91
CA GLN B 36 11.63 -17.10 8.36
C GLN B 36 12.84 -17.79 8.96
N PRO B 37 13.57 -17.10 9.84
CA PRO B 37 14.76 -17.65 10.47
C PRO B 37 14.51 -18.72 11.53
N ASP B 38 13.32 -18.71 12.13
CA ASP B 38 13.05 -19.66 13.20
C ASP B 38 11.88 -20.62 13.08
N ILE B 39 10.92 -20.36 12.20
CA ILE B 39 9.80 -21.28 12.08
C ILE B 39 9.81 -22.05 10.76
N THR B 40 9.09 -23.16 10.74
CA THR B 40 9.06 -24.00 9.55
C THR B 40 7.65 -24.45 9.19
N ASN B 41 7.52 -25.07 8.02
CA ASN B 41 6.23 -25.58 7.56
C ASN B 41 5.62 -26.54 8.58
N SER B 42 6.45 -27.35 9.20
CA SER B 42 5.99 -28.31 10.19
C SER B 42 5.41 -27.62 11.40
N MET B 43 6.04 -26.52 11.81
CA MET B 43 5.55 -25.78 12.97
C MET B 43 4.21 -25.15 12.63
N ARG B 44 4.07 -24.71 11.38
CA ARG B 44 2.83 -24.10 10.92
C ARG B 44 1.74 -25.15 10.88
N ALA B 45 2.07 -26.33 10.35
CA ALA B 45 1.11 -27.43 10.26
C ALA B 45 0.56 -27.73 11.65
N ILE B 46 1.47 -27.83 12.62
CA ILE B 46 1.08 -28.10 14.00
C ILE B 46 0.16 -27.00 14.53
N LEU B 47 0.45 -25.77 14.14
CA LEU B 47 -0.35 -24.63 14.58
C LEU B 47 -1.75 -24.66 14.01
N VAL B 48 -1.85 -24.86 12.70
CA VAL B 48 -3.14 -24.89 12.06
C VAL B 48 -3.99 -26.05 12.59
N ASP B 49 -3.35 -27.21 12.76
CA ASP B 49 -4.03 -28.39 13.28
C ASP B 49 -4.64 -28.09 14.65
N TRP B 50 -3.92 -27.29 15.43
CA TRP B 50 -4.38 -26.91 16.76
C TRP B 50 -5.58 -25.95 16.65
N LEU B 51 -5.56 -25.09 15.63
CA LEU B 51 -6.65 -24.15 15.47
C LEU B 51 -7.93 -24.92 15.15
N VAL B 52 -7.79 -26.02 14.40
CA VAL B 52 -8.93 -26.86 14.07
C VAL B 52 -9.53 -27.39 15.37
N GLU B 53 -8.67 -27.83 16.28
CA GLU B 53 -9.13 -28.34 17.56
C GLU B 53 -9.86 -27.23 18.30
N VAL B 54 -9.21 -26.07 18.42
CA VAL B 54 -9.79 -24.93 19.10
C VAL B 54 -11.17 -24.66 18.52
N GLY B 55 -11.27 -24.76 17.19
CA GLY B 55 -12.53 -24.54 16.51
C GLY B 55 -13.61 -25.51 16.91
N GLU B 56 -13.22 -26.77 17.13
CA GLU B 56 -14.18 -27.80 17.55
C GLU B 56 -14.59 -27.59 19.01
N GLU B 57 -13.64 -27.18 19.84
CA GLU B 57 -13.89 -26.94 21.25
C GLU B 57 -14.88 -25.80 21.47
N TYR B 58 -14.75 -24.76 20.66
CA TYR B 58 -15.61 -23.59 20.78
C TYR B 58 -16.72 -23.55 19.74
N LYS B 59 -16.85 -24.62 18.98
CA LYS B 59 -17.88 -24.73 17.94
C LYS B 59 -17.88 -23.55 16.98
N LEU B 60 -16.70 -23.17 16.49
CA LEU B 60 -16.58 -22.06 15.57
C LEU B 60 -16.88 -22.53 14.15
N GLN B 61 -17.26 -21.60 13.29
CA GLN B 61 -17.57 -21.90 11.89
C GLN B 61 -16.31 -22.28 11.14
N ASN B 62 -16.44 -23.02 10.03
CA ASN B 62 -15.25 -23.37 9.28
C ASN B 62 -14.63 -22.10 8.68
N GLU B 63 -15.48 -21.15 8.28
CA GLU B 63 -15.02 -19.90 7.72
C GLU B 63 -14.05 -19.19 8.67
N THR B 64 -14.36 -19.21 9.97
CA THR B 64 -13.49 -18.58 10.95
C THR B 64 -12.09 -19.21 10.85
N LEU B 65 -12.04 -20.53 10.79
CA LEU B 65 -10.77 -21.25 10.69
C LEU B 65 -9.99 -20.81 9.45
N HIS B 66 -10.67 -20.79 8.31
CA HIS B 66 -10.03 -20.38 7.05
C HIS B 66 -9.49 -18.95 7.10
N LEU B 67 -10.28 -18.04 7.68
CA LEU B 67 -9.87 -16.65 7.77
C LEU B 67 -8.63 -16.53 8.63
N ALA B 68 -8.61 -17.24 9.76
CA ALA B 68 -7.46 -17.17 10.66
C ALA B 68 -6.16 -17.59 9.97
N VAL B 69 -6.22 -18.67 9.20
CA VAL B 69 -5.06 -19.16 8.48
C VAL B 69 -4.60 -18.11 7.48
N ASN B 70 -5.55 -17.45 6.84
CA ASN B 70 -5.25 -16.39 5.88
C ASN B 70 -4.52 -15.23 6.59
N TYR B 71 -4.97 -14.89 7.79
CA TYR B 71 -4.36 -13.81 8.54
C TYR B 71 -2.95 -14.21 8.93
N ILE B 72 -2.81 -15.41 9.45
CA ILE B 72 -1.52 -15.93 9.88
C ILE B 72 -0.49 -15.94 8.73
N ASP B 73 -0.88 -16.43 7.56
CA ASP B 73 0.05 -16.47 6.44
C ASP B 73 0.46 -15.10 5.93
N ARG B 74 -0.46 -14.14 5.95
CA ARG B 74 -0.15 -12.80 5.50
C ARG B 74 0.77 -12.11 6.50
N PHE B 75 0.49 -12.29 7.79
CA PHE B 75 1.30 -11.69 8.83
C PHE B 75 2.72 -12.26 8.77
N LEU B 76 2.84 -13.56 8.60
CA LEU B 76 4.16 -14.19 8.51
C LEU B 76 4.90 -13.82 7.23
N SER B 77 4.17 -13.35 6.23
CA SER B 77 4.79 -12.94 4.97
C SER B 77 5.64 -11.68 5.14
N SER B 78 5.38 -10.92 6.21
CA SER B 78 6.14 -9.71 6.43
C SER B 78 6.67 -9.51 7.85
N MET B 79 6.55 -10.51 8.70
CA MET B 79 7.03 -10.38 10.07
C MET B 79 7.75 -11.63 10.54
N SER B 80 8.99 -11.48 10.95
CA SER B 80 9.75 -12.61 11.47
C SER B 80 9.17 -12.94 12.83
N VAL B 81 8.85 -14.20 13.06
CA VAL B 81 8.31 -14.60 14.35
C VAL B 81 9.10 -15.79 14.87
N LEU B 82 9.36 -15.81 16.17
CA LEU B 82 10.12 -16.91 16.77
C LEU B 82 9.21 -18.02 17.28
N ARG B 83 9.73 -19.24 17.30
CA ARG B 83 9.02 -20.43 17.77
C ARG B 83 8.02 -20.12 18.88
N GLY B 84 8.50 -19.49 19.95
CA GLY B 84 7.68 -19.20 21.10
C GLY B 84 6.55 -18.21 20.94
N LYS B 85 6.56 -17.44 19.86
CA LYS B 85 5.50 -16.45 19.63
C LYS B 85 4.54 -16.86 18.52
N LEU B 86 4.88 -17.92 17.79
CA LEU B 86 4.04 -18.39 16.71
C LEU B 86 2.60 -18.65 17.16
N GLN B 87 2.44 -19.25 18.32
CA GLN B 87 1.10 -19.56 18.82
C GLN B 87 0.36 -18.27 19.19
N LEU B 88 1.10 -17.27 19.65
CA LEU B 88 0.48 -16.00 20.02
C LEU B 88 -0.11 -15.34 18.77
N VAL B 89 0.60 -15.45 17.66
CA VAL B 89 0.13 -14.89 16.41
C VAL B 89 -1.13 -15.64 15.99
N GLY B 90 -1.07 -16.97 16.07
CA GLY B 90 -2.20 -17.83 15.71
C GLY B 90 -3.41 -17.57 16.57
N THR B 91 -3.21 -17.38 17.87
CA THR B 91 -4.31 -17.12 18.78
C THR B 91 -5.00 -15.79 18.47
N ALA B 92 -4.20 -14.75 18.22
CA ALA B 92 -4.74 -13.45 17.92
C ALA B 92 -5.48 -13.52 16.59
N ALA B 93 -4.94 -14.31 15.67
CA ALA B 93 -5.56 -14.48 14.37
C ALA B 93 -6.95 -15.10 14.54
N MET B 94 -7.04 -16.10 15.40
CA MET B 94 -8.31 -16.79 15.65
C MET B 94 -9.28 -15.83 16.31
N LEU B 95 -8.79 -15.04 17.28
CA LEU B 95 -9.63 -14.07 17.96
C LEU B 95 -10.22 -13.04 16.98
N LEU B 96 -9.37 -12.53 16.09
CA LEU B 96 -9.82 -11.56 15.10
C LEU B 96 -10.84 -12.15 14.13
N ALA B 97 -10.58 -13.37 13.67
CA ALA B 97 -11.46 -14.06 12.74
C ALA B 97 -12.82 -14.33 13.38
N SER B 98 -12.78 -14.63 14.67
CA SER B 98 -14.00 -14.88 15.42
C SER B 98 -14.85 -13.62 15.51
N LYS B 99 -14.21 -12.50 15.84
CA LYS B 99 -14.93 -11.24 15.94
C LYS B 99 -15.54 -10.85 14.60
N PHE B 100 -14.84 -11.18 13.53
CA PHE B 100 -15.29 -10.85 12.19
C PHE B 100 -16.42 -11.74 11.68
N GLU B 101 -16.26 -13.05 11.85
CA GLU B 101 -17.22 -14.02 11.32
C GLU B 101 -18.28 -14.61 12.25
N GLU B 102 -17.96 -14.79 13.53
CA GLU B 102 -18.93 -15.38 14.46
C GLU B 102 -20.02 -14.42 14.92
N ILE B 103 -21.17 -14.98 15.29
CA ILE B 103 -22.27 -14.15 15.78
C ILE B 103 -21.91 -13.73 17.20
N TYR B 104 -21.42 -14.69 17.98
CA TYR B 104 -21.01 -14.46 19.36
C TYR B 104 -19.64 -15.11 19.52
N PRO B 105 -18.56 -14.35 19.33
CA PRO B 105 -17.20 -14.86 19.44
C PRO B 105 -16.80 -15.12 20.89
N PRO B 106 -15.90 -16.08 21.11
CA PRO B 106 -15.46 -16.36 22.48
C PRO B 106 -14.77 -15.10 22.98
N GLU B 107 -14.69 -14.95 24.30
CA GLU B 107 -14.04 -13.79 24.89
C GLU B 107 -12.54 -14.01 24.91
N VAL B 108 -11.80 -12.91 25.05
CA VAL B 108 -10.34 -12.96 25.10
C VAL B 108 -9.91 -14.00 26.12
N ALA B 109 -10.55 -13.94 27.28
CA ALA B 109 -10.22 -14.87 28.36
C ALA B 109 -10.21 -16.30 27.84
N GLU B 110 -11.23 -16.66 27.05
CA GLU B 110 -11.31 -18.02 26.51
C GLU B 110 -10.15 -18.36 25.60
N PHE B 111 -9.70 -17.41 24.79
CA PHE B 111 -8.58 -17.66 23.91
C PHE B 111 -7.30 -17.82 24.72
N VAL B 112 -7.19 -17.07 25.81
CA VAL B 112 -6.02 -17.18 26.66
C VAL B 112 -6.02 -18.54 27.36
N TYR B 113 -7.22 -19.08 27.61
CA TYR B 113 -7.33 -20.37 28.29
C TYR B 113 -6.85 -21.54 27.44
N ILE B 114 -7.25 -21.58 26.17
CA ILE B 114 -6.86 -22.67 25.28
C ILE B 114 -5.39 -22.67 24.93
N THR B 115 -4.66 -21.63 25.35
CA THR B 115 -3.22 -21.58 25.10
C THR B 115 -2.54 -22.06 26.37
N ASP B 116 -3.34 -22.59 27.29
CA ASP B 116 -2.87 -23.10 28.58
C ASP B 116 -2.06 -22.08 29.34
N ASP B 117 -2.53 -20.83 29.33
CA ASP B 117 -1.87 -19.73 30.01
C ASP B 117 -0.40 -19.60 29.62
N THR B 118 -0.11 -19.84 28.35
CA THR B 118 1.24 -19.71 27.82
C THR B 118 1.45 -18.21 27.63
N TYR B 119 0.36 -17.50 27.34
CA TYR B 119 0.38 -16.06 27.12
C TYR B 119 -0.62 -15.35 28.02
N THR B 120 -0.46 -14.04 28.13
CA THR B 120 -1.32 -13.19 28.95
C THR B 120 -2.47 -12.60 28.16
N LYS B 121 -3.53 -12.19 28.85
CA LYS B 121 -4.66 -11.55 28.19
C LYS B 121 -4.07 -10.32 27.51
N LYS B 122 -3.12 -9.69 28.19
CA LYS B 122 -2.46 -8.49 27.69
C LYS B 122 -1.68 -8.80 26.41
N GLN B 123 -0.89 -9.86 26.42
CA GLN B 123 -0.13 -10.22 25.25
C GLN B 123 -1.03 -10.47 24.05
N VAL B 124 -2.13 -11.19 24.28
CA VAL B 124 -3.06 -11.49 23.20
C VAL B 124 -3.68 -10.23 22.62
N LEU B 125 -4.10 -9.31 23.49
CA LEU B 125 -4.69 -8.08 22.98
C LEU B 125 -3.67 -7.19 22.30
N ARG B 126 -2.42 -7.24 22.76
CA ARG B 126 -1.34 -6.46 22.17
C ARG B 126 -1.07 -7.04 20.77
N MET B 127 -1.08 -8.36 20.67
CA MET B 127 -0.85 -9.03 19.40
C MET B 127 -2.00 -8.77 18.42
N GLU B 128 -3.21 -8.62 18.95
CA GLU B 128 -4.38 -8.35 18.10
C GLU B 128 -4.14 -7.00 17.40
N HIS B 129 -3.70 -6.03 18.19
CA HIS B 129 -3.41 -4.68 17.69
C HIS B 129 -2.33 -4.78 16.59
N LEU B 130 -1.24 -5.49 16.88
CA LEU B 130 -0.15 -5.63 15.91
C LEU B 130 -0.60 -6.34 14.64
N VAL B 131 -1.38 -7.41 14.79
CA VAL B 131 -1.86 -8.13 13.60
C VAL B 131 -2.72 -7.19 12.75
N LEU B 132 -3.60 -6.44 13.41
CA LEU B 132 -4.46 -5.49 12.70
C LEU B 132 -3.60 -4.46 11.96
N LYS B 133 -2.56 -3.94 12.63
CA LYS B 133 -1.66 -2.97 12.03
C LYS B 133 -1.00 -3.60 10.80
N VAL B 134 -0.34 -4.73 11.00
CA VAL B 134 0.33 -5.40 9.89
C VAL B 134 -0.61 -5.72 8.73
N LEU B 135 -1.84 -6.12 9.03
CA LEU B 135 -2.79 -6.45 7.97
C LEU B 135 -3.63 -5.26 7.51
N THR B 136 -3.38 -4.11 8.14
CA THR B 136 -4.08 -2.87 7.87
C THR B 136 -5.61 -3.05 7.83
N PHE B 137 -6.13 -3.70 8.86
CA PHE B 137 -7.56 -3.95 9.01
C PHE B 137 -8.25 -4.62 7.83
N ASP B 138 -7.49 -5.16 6.89
CA ASP B 138 -8.13 -5.83 5.76
C ASP B 138 -8.44 -7.29 6.08
N LEU B 139 -9.50 -7.49 6.85
CA LEU B 139 -9.90 -8.82 7.28
C LEU B 139 -10.88 -9.59 6.42
N ALA B 140 -11.66 -8.90 5.59
CA ALA B 140 -12.65 -9.60 4.75
C ALA B 140 -11.98 -10.32 3.58
N ALA B 141 -11.16 -11.31 3.89
CA ALA B 141 -10.42 -12.06 2.89
C ALA B 141 -11.22 -13.20 2.24
N PRO B 142 -10.96 -13.48 0.96
CA PRO B 142 -11.63 -14.55 0.23
C PRO B 142 -11.00 -15.87 0.71
N THR B 143 -11.84 -16.87 0.96
CA THR B 143 -11.37 -18.16 1.44
C THR B 143 -11.82 -19.30 0.53
N VAL B 144 -11.15 -20.44 0.65
CA VAL B 144 -11.49 -21.62 -0.14
C VAL B 144 -12.99 -21.88 0.10
N ASN B 145 -13.35 -21.75 1.37
CA ASN B 145 -14.71 -21.94 1.86
C ASN B 145 -15.74 -21.10 1.07
N GLN B 146 -15.43 -19.83 0.87
CA GLN B 146 -16.34 -18.96 0.14
C GLN B 146 -16.52 -19.43 -1.29
N PHE B 147 -15.43 -19.82 -1.94
CA PHE B 147 -15.53 -20.28 -3.32
C PHE B 147 -16.29 -21.61 -3.41
N LEU B 148 -16.11 -22.47 -2.41
CA LEU B 148 -16.83 -23.74 -2.40
C LEU B 148 -18.33 -23.47 -2.28
N THR B 149 -18.70 -22.46 -1.47
CA THR B 149 -20.09 -22.11 -1.28
C THR B 149 -20.71 -21.65 -2.60
N GLN B 150 -19.95 -20.85 -3.34
CA GLN B 150 -20.41 -20.34 -4.62
C GLN B 150 -20.54 -21.48 -5.61
N TYR B 151 -19.63 -22.46 -5.55
CA TYR B 151 -19.70 -23.58 -6.49
C TYR B 151 -20.85 -24.52 -6.18
N PHE B 152 -21.20 -24.66 -4.91
CA PHE B 152 -22.27 -25.54 -4.51
C PHE B 152 -23.63 -25.19 -5.11
N LEU B 153 -23.79 -23.97 -5.60
CA LEU B 153 -25.06 -23.58 -6.19
C LEU B 153 -25.18 -24.17 -7.59
N HIS B 154 -24.04 -24.49 -8.20
CA HIS B 154 -24.00 -25.05 -9.55
C HIS B 154 -23.99 -26.57 -9.48
N GLN B 155 -24.42 -27.10 -8.35
CA GLN B 155 -24.47 -28.53 -8.15
C GLN B 155 -25.89 -28.98 -8.44
N GLN B 156 -26.10 -29.57 -9.61
CA GLN B 156 -27.42 -30.04 -10.01
C GLN B 156 -28.04 -30.84 -8.86
N PRO B 157 -27.72 -32.15 -8.74
CA PRO B 157 -28.40 -32.74 -7.58
C PRO B 157 -27.55 -32.49 -6.34
N ALA B 158 -27.88 -31.41 -5.61
CA ALA B 158 -27.16 -31.04 -4.41
C ALA B 158 -27.00 -32.26 -3.50
N ASN B 159 -25.75 -32.68 -3.32
CA ASN B 159 -25.43 -33.85 -2.51
C ASN B 159 -24.66 -33.42 -1.27
N CYS B 160 -25.21 -33.71 -0.09
CA CYS B 160 -24.56 -33.33 1.15
C CYS B 160 -23.22 -34.02 1.43
N LYS B 161 -23.06 -35.26 0.96
CA LYS B 161 -21.81 -35.97 1.17
C LYS B 161 -20.73 -35.32 0.30
N VAL B 162 -21.11 -34.90 -0.90
CA VAL B 162 -20.16 -34.25 -1.78
C VAL B 162 -19.70 -32.93 -1.14
N GLU B 163 -20.64 -32.21 -0.55
CA GLU B 163 -20.31 -30.95 0.10
C GLU B 163 -19.38 -31.18 1.29
N SER B 164 -19.67 -32.20 2.09
CA SER B 164 -18.84 -32.49 3.25
C SER B 164 -17.44 -32.89 2.85
N LEU B 165 -17.33 -33.72 1.82
CA LEU B 165 -16.03 -34.19 1.35
C LEU B 165 -15.22 -33.03 0.76
N ALA B 166 -15.89 -32.15 0.02
CA ALA B 166 -15.20 -30.99 -0.58
C ALA B 166 -14.67 -30.09 0.55
N MET B 167 -15.51 -29.91 1.58
CA MET B 167 -15.13 -29.13 2.74
C MET B 167 -13.88 -29.74 3.36
N PHE B 168 -13.91 -31.06 3.54
CA PHE B 168 -12.81 -31.81 4.13
C PHE B 168 -11.51 -31.60 3.34
N LEU B 169 -11.58 -31.80 2.03
CA LEU B 169 -10.41 -31.63 1.19
C LEU B 169 -9.90 -30.19 1.26
N GLY B 170 -10.82 -29.24 1.21
CA GLY B 170 -10.44 -27.85 1.28
C GLY B 170 -9.77 -27.52 2.62
N GLU B 171 -10.29 -28.11 3.68
CA GLU B 171 -9.74 -27.86 5.00
C GLU B 171 -8.34 -28.46 5.16
N LEU B 172 -8.10 -29.59 4.49
CA LEU B 172 -6.79 -30.24 4.59
C LEU B 172 -5.72 -29.35 3.96
N SER B 173 -6.07 -28.60 2.93
CA SER B 173 -5.09 -27.74 2.26
C SER B 173 -4.54 -26.66 3.17
N LEU B 174 -5.29 -26.32 4.22
CA LEU B 174 -4.86 -25.29 5.16
C LEU B 174 -3.63 -25.72 5.95
N ILE B 175 -3.48 -27.02 6.14
CA ILE B 175 -2.38 -27.59 6.93
C ILE B 175 -0.97 -27.52 6.36
N ASP B 176 -0.85 -27.73 5.06
CA ASP B 176 0.47 -27.74 4.43
C ASP B 176 0.80 -26.55 3.51
N ALA B 177 1.57 -25.60 4.05
CA ALA B 177 1.97 -24.41 3.30
C ALA B 177 2.53 -24.84 1.95
N ASP B 178 3.25 -25.96 1.96
CA ASP B 178 3.79 -26.53 0.74
C ASP B 178 2.91 -27.75 0.46
N PRO B 179 2.28 -27.80 -0.73
CA PRO B 179 2.32 -26.85 -1.83
C PRO B 179 1.14 -25.89 -1.96
N TYR B 180 0.20 -25.93 -1.03
CA TYR B 180 -1.00 -25.10 -1.18
C TYR B 180 -0.88 -23.57 -1.18
N LEU B 181 0.19 -23.04 -0.62
CA LEU B 181 0.39 -21.60 -0.61
C LEU B 181 0.52 -21.03 -2.02
N LYS B 182 0.88 -21.87 -2.98
CA LYS B 182 1.05 -21.35 -4.34
C LYS B 182 -0.18 -21.42 -5.22
N TYR B 183 -1.31 -21.82 -4.64
CA TYR B 183 -2.57 -21.92 -5.38
C TYR B 183 -3.56 -20.91 -4.85
N LEU B 184 -4.40 -20.37 -5.73
CA LEU B 184 -5.42 -19.42 -5.28
C LEU B 184 -6.59 -20.19 -4.69
N PRO B 185 -7.28 -19.57 -3.71
CA PRO B 185 -8.43 -20.22 -3.07
C PRO B 185 -9.42 -20.76 -4.12
N SER B 186 -9.76 -19.96 -5.11
CA SER B 186 -10.69 -20.38 -6.13
C SER B 186 -10.24 -21.66 -6.84
N VAL B 187 -8.92 -21.84 -6.98
CA VAL B 187 -8.38 -23.02 -7.65
C VAL B 187 -8.44 -24.23 -6.70
N ILE B 188 -8.02 -24.04 -5.45
CA ILE B 188 -8.05 -25.11 -4.48
C ILE B 188 -9.49 -25.58 -4.35
N ALA B 189 -10.42 -24.62 -4.29
CA ALA B 189 -11.84 -24.94 -4.19
C ALA B 189 -12.27 -25.72 -5.43
N GLY B 190 -11.76 -25.32 -6.59
CA GLY B 190 -12.09 -26.00 -7.82
C GLY B 190 -11.71 -27.47 -7.74
N ALA B 191 -10.47 -27.73 -7.33
CA ALA B 191 -9.98 -29.10 -7.19
C ALA B 191 -10.77 -29.86 -6.12
N ALA B 192 -10.95 -29.25 -4.95
CA ALA B 192 -11.68 -29.88 -3.87
C ALA B 192 -13.09 -30.28 -4.32
N PHE B 193 -13.76 -29.39 -5.06
CA PHE B 193 -15.11 -29.69 -5.53
C PHE B 193 -15.10 -30.88 -6.48
N HIS B 194 -14.20 -30.86 -7.46
CA HIS B 194 -14.10 -31.96 -8.42
C HIS B 194 -13.75 -33.29 -7.79
N LEU B 195 -12.68 -33.30 -7.01
CA LEU B 195 -12.22 -34.51 -6.34
C LEU B 195 -13.32 -35.11 -5.46
N ALA B 196 -14.05 -34.26 -4.74
CA ALA B 196 -15.13 -34.74 -3.88
C ALA B 196 -16.25 -35.29 -4.75
N LEU B 197 -16.69 -34.49 -5.71
CA LEU B 197 -17.75 -34.89 -6.62
C LEU B 197 -17.39 -36.21 -7.32
N TYR B 198 -16.14 -36.33 -7.77
CA TYR B 198 -15.68 -37.54 -8.46
C TYR B 198 -15.66 -38.75 -7.52
N THR B 199 -15.21 -38.54 -6.29
CA THR B 199 -15.15 -39.62 -5.32
C THR B 199 -16.50 -40.13 -4.87
N VAL B 200 -17.45 -39.22 -4.68
CA VAL B 200 -18.77 -39.61 -4.22
C VAL B 200 -19.76 -40.02 -5.31
N THR B 201 -19.79 -39.30 -6.43
CA THR B 201 -20.74 -39.63 -7.48
C THR B 201 -20.14 -39.97 -8.84
N GLY B 202 -18.81 -39.99 -8.94
CA GLY B 202 -18.19 -40.32 -10.21
C GLY B 202 -18.34 -39.25 -11.28
N GLN B 203 -19.06 -38.19 -10.97
CA GLN B 203 -19.24 -37.09 -11.92
C GLN B 203 -17.99 -36.22 -11.89
N SER B 204 -17.90 -35.25 -12.80
CA SER B 204 -16.72 -34.38 -12.84
C SER B 204 -17.05 -32.89 -12.91
N TRP B 205 -16.01 -32.07 -12.75
CA TRP B 205 -16.12 -30.62 -12.80
C TRP B 205 -17.13 -30.28 -13.89
N PRO B 206 -18.34 -29.85 -13.50
CA PRO B 206 -19.45 -29.47 -14.38
C PRO B 206 -19.21 -28.33 -15.37
N GLU B 207 -19.86 -28.44 -16.53
CA GLU B 207 -19.73 -27.45 -17.58
C GLU B 207 -20.16 -26.06 -17.10
N SER B 208 -21.18 -26.00 -16.26
CA SER B 208 -21.67 -24.72 -15.74
C SER B 208 -20.57 -24.00 -14.94
N LEU B 209 -19.81 -24.74 -14.14
CA LEU B 209 -18.76 -24.12 -13.34
C LEU B 209 -17.56 -23.76 -14.22
N ILE B 210 -17.41 -24.47 -15.34
CA ILE B 210 -16.31 -24.15 -16.24
C ILE B 210 -16.60 -22.77 -16.80
N ARG B 211 -17.84 -22.56 -17.23
CA ARG B 211 -18.24 -21.26 -17.78
C ARG B 211 -18.15 -20.18 -16.70
N LYS B 212 -18.62 -20.50 -15.50
CA LYS B 212 -18.60 -19.54 -14.41
C LYS B 212 -17.19 -19.12 -13.99
N THR B 213 -16.33 -20.11 -13.77
CA THR B 213 -14.98 -19.82 -13.32
C THR B 213 -13.94 -19.64 -14.42
N GLY B 214 -14.19 -20.24 -15.58
CA GLY B 214 -13.24 -20.14 -16.66
C GLY B 214 -12.16 -21.19 -16.47
N TYR B 215 -12.26 -21.97 -15.40
CA TYR B 215 -11.29 -23.03 -15.14
C TYR B 215 -11.75 -24.31 -15.83
N THR B 216 -10.81 -24.98 -16.49
CA THR B 216 -11.12 -26.23 -17.16
C THR B 216 -10.54 -27.30 -16.27
N LEU B 217 -10.93 -28.56 -16.50
CA LEU B 217 -10.39 -29.62 -15.67
C LEU B 217 -8.88 -29.62 -15.87
N GLU B 218 -8.46 -29.28 -17.09
CA GLU B 218 -7.04 -29.22 -17.44
C GLU B 218 -6.30 -28.20 -16.58
N SER B 219 -6.90 -27.02 -16.40
CA SER B 219 -6.26 -25.97 -15.61
C SER B 219 -6.17 -26.32 -14.14
N LEU B 220 -7.13 -27.11 -13.64
CA LEU B 220 -7.12 -27.50 -12.24
C LEU B 220 -6.17 -28.65 -11.96
N LYS B 221 -5.76 -29.35 -13.02
CA LYS B 221 -4.89 -30.51 -12.90
C LYS B 221 -3.72 -30.40 -11.91
N PRO B 222 -2.85 -29.39 -12.08
CA PRO B 222 -1.72 -29.25 -11.16
C PRO B 222 -2.14 -29.28 -9.69
N CYS B 223 -3.14 -28.48 -9.35
CA CYS B 223 -3.64 -28.44 -7.97
C CYS B 223 -4.34 -29.74 -7.62
N LEU B 224 -5.09 -30.26 -8.60
CA LEU B 224 -5.82 -31.50 -8.44
C LEU B 224 -4.87 -32.67 -8.10
N MET B 225 -3.75 -32.76 -8.83
CA MET B 225 -2.77 -33.80 -8.59
C MET B 225 -2.25 -33.70 -7.16
N ASP B 226 -1.99 -32.47 -6.71
CA ASP B 226 -1.49 -32.24 -5.35
C ASP B 226 -2.53 -32.62 -4.29
N LEU B 227 -3.76 -32.18 -4.49
CA LEU B 227 -4.83 -32.46 -3.53
C LEU B 227 -5.10 -33.96 -3.43
N HIS B 228 -5.06 -34.65 -4.56
CA HIS B 228 -5.30 -36.09 -4.57
C HIS B 228 -4.22 -36.78 -3.75
N GLN B 229 -2.98 -36.32 -3.89
CA GLN B 229 -1.86 -36.88 -3.16
C GLN B 229 -2.08 -36.69 -1.67
N THR B 230 -2.56 -35.51 -1.27
CA THR B 230 -2.82 -35.19 0.12
C THR B 230 -3.95 -36.07 0.66
N TYR B 231 -4.97 -36.26 -0.17
CA TYR B 231 -6.13 -37.08 0.19
C TYR B 231 -5.69 -38.51 0.44
N LEU B 232 -4.88 -39.05 -0.47
CA LEU B 232 -4.36 -40.40 -0.37
C LEU B 232 -3.53 -40.62 0.88
N LYS B 233 -2.67 -39.64 1.22
CA LYS B 233 -1.80 -39.77 2.38
C LYS B 233 -2.39 -39.26 3.68
N ALA B 234 -3.59 -38.71 3.63
CA ALA B 234 -4.23 -38.15 4.82
C ALA B 234 -4.12 -39.01 6.09
N PRO B 235 -4.34 -40.32 5.99
CA PRO B 235 -4.24 -41.19 7.18
C PRO B 235 -2.84 -41.26 7.79
N GLN B 236 -1.82 -41.01 6.96
CA GLN B 236 -0.43 -41.05 7.40
C GLN B 236 0.12 -39.69 7.84
N HIS B 237 -0.67 -38.65 7.66
CA HIS B 237 -0.21 -37.31 8.03
C HIS B 237 -0.05 -37.19 9.54
N ALA B 238 0.97 -36.43 9.94
CA ALA B 238 1.26 -36.22 11.37
C ALA B 238 0.11 -35.49 12.05
N GLN B 239 -0.51 -34.56 11.33
CA GLN B 239 -1.63 -33.82 11.88
C GLN B 239 -2.92 -34.54 11.49
N GLN B 240 -3.75 -34.82 12.48
CA GLN B 240 -4.98 -35.58 12.28
C GLN B 240 -6.29 -34.94 12.73
N SER B 241 -6.24 -33.73 13.30
CA SER B 241 -7.46 -33.11 13.78
C SER B 241 -8.58 -32.97 12.74
N ILE B 242 -8.23 -32.68 11.49
CA ILE B 242 -9.25 -32.54 10.46
C ILE B 242 -9.93 -33.87 10.14
N ARG B 243 -9.16 -34.95 9.99
CA ARG B 243 -9.76 -36.26 9.73
C ARG B 243 -10.70 -36.65 10.86
N GLU B 244 -10.28 -36.39 12.09
CA GLU B 244 -11.10 -36.73 13.24
C GLU B 244 -12.40 -35.93 13.20
N LYS B 245 -12.28 -34.63 12.94
CA LYS B 245 -13.43 -33.75 12.87
C LYS B 245 -14.41 -34.23 11.80
N TYR B 246 -13.89 -34.66 10.66
CA TYR B 246 -14.74 -35.09 9.58
C TYR B 246 -15.26 -36.52 9.61
N LYS B 247 -15.09 -37.21 10.73
CA LYS B 247 -15.68 -38.54 10.81
C LYS B 247 -16.92 -38.40 11.72
N ASN B 248 -17.26 -37.16 12.06
CA ASN B 248 -18.43 -36.85 12.87
C ASN B 248 -19.66 -37.05 12.02
N SER B 249 -20.81 -37.21 12.67
CA SER B 249 -22.04 -37.41 11.93
C SER B 249 -22.41 -36.15 11.15
N LYS B 250 -22.11 -34.97 11.70
CA LYS B 250 -22.49 -33.78 10.96
C LYS B 250 -21.79 -33.66 9.61
N TYR B 251 -20.74 -34.47 9.39
CA TYR B 251 -20.05 -34.44 8.10
C TYR B 251 -20.15 -35.78 7.40
N HIS B 252 -21.12 -36.58 7.81
CA HIS B 252 -21.36 -37.89 7.21
C HIS B 252 -20.10 -38.76 7.17
N GLY B 253 -19.23 -38.59 8.16
CA GLY B 253 -18.01 -39.37 8.23
C GLY B 253 -17.23 -39.52 6.93
N VAL B 254 -17.31 -38.50 6.06
CA VAL B 254 -16.62 -38.52 4.78
C VAL B 254 -15.11 -38.74 4.83
N SER B 255 -14.48 -38.46 5.96
CA SER B 255 -13.02 -38.67 6.05
C SER B 255 -12.68 -40.15 6.11
N LEU B 256 -13.71 -40.98 6.20
CA LEU B 256 -13.52 -42.42 6.23
C LEU B 256 -13.73 -43.00 4.84
N LEU B 257 -14.21 -42.18 3.91
CA LEU B 257 -14.42 -42.64 2.55
C LEU B 257 -13.06 -42.90 1.91
N ASN B 258 -13.01 -43.90 1.05
CA ASN B 258 -11.76 -44.23 0.38
C ASN B 258 -11.55 -43.38 -0.86
N PRO B 259 -10.39 -42.75 -0.96
CA PRO B 259 -10.09 -41.92 -2.12
C PRO B 259 -9.89 -42.80 -3.33
N PRO B 260 -10.25 -42.32 -4.53
CA PRO B 260 -10.05 -43.15 -5.71
C PRO B 260 -8.55 -43.34 -6.01
N GLU B 261 -8.20 -44.47 -6.62
CA GLU B 261 -6.80 -44.75 -6.95
C GLU B 261 -6.25 -43.77 -7.97
N THR B 262 -7.05 -43.50 -8.99
CA THR B 262 -6.64 -42.60 -10.04
C THR B 262 -7.74 -41.62 -10.37
N LEU B 263 -7.37 -40.45 -10.89
CA LEU B 263 -8.35 -39.44 -11.26
C LEU B 263 -8.72 -39.58 -12.72
N ASN B 264 -7.96 -40.40 -13.44
CA ASN B 264 -8.21 -40.62 -14.86
C ASN B 264 -8.40 -39.30 -15.61
N LEU B 265 -7.41 -38.41 -15.48
CA LEU B 265 -7.47 -37.12 -16.14
C LEU B 265 -6.83 -37.16 -17.52
N ASP C 5 3.45 1.64 18.98
CA ASP C 5 4.52 0.91 18.24
C ASP C 5 5.84 0.89 18.99
N MET C 6 6.38 2.07 19.29
CA MET C 6 7.64 2.16 20.03
C MET C 6 7.57 1.42 21.37
N GLU C 7 6.36 1.26 21.88
CA GLU C 7 6.14 0.55 23.13
C GLU C 7 6.43 -0.93 22.96
N ASN C 8 6.24 -1.43 21.74
CA ASN C 8 6.46 -2.85 21.44
C ASN C 8 7.93 -3.21 21.34
N PHE C 9 8.80 -2.20 21.45
CA PHE C 9 10.22 -2.45 21.36
C PHE C 9 10.91 -2.40 22.71
N GLN C 10 11.83 -3.33 22.91
CA GLN C 10 12.60 -3.42 24.14
C GLN C 10 14.05 -3.08 23.78
N LYS C 11 14.57 -1.96 24.29
CA LYS C 11 15.96 -1.59 23.99
C LYS C 11 16.83 -2.63 24.68
N VAL C 12 17.81 -3.16 23.98
CA VAL C 12 18.70 -4.14 24.58
C VAL C 12 20.00 -3.46 25.00
N GLU C 13 20.64 -2.78 24.06
CA GLU C 13 21.88 -2.06 24.35
C GLU C 13 22.30 -1.14 23.20
N LYS C 14 23.02 -0.09 23.55
CA LYS C 14 23.52 0.85 22.56
C LYS C 14 24.66 0.12 21.84
N ILE C 15 24.72 0.21 20.52
CA ILE C 15 25.80 -0.46 19.81
C ILE C 15 26.57 0.50 18.90
N GLY C 16 26.10 1.74 18.81
CA GLY C 16 26.78 2.72 17.98
C GLY C 16 26.23 4.12 18.19
N GLU C 17 27.04 5.13 17.88
CA GLU C 17 26.62 6.52 18.02
C GLU C 17 27.23 7.39 16.93
N GLY C 18 26.90 8.67 16.95
CA GLY C 18 27.42 9.59 15.95
C GLY C 18 26.61 10.87 15.90
N THR C 19 26.78 11.63 14.82
CA THR C 19 26.05 12.88 14.65
C THR C 19 24.58 12.61 14.36
N TYR C 20 24.33 11.53 13.62
CA TYR C 20 22.97 11.14 13.26
C TYR C 20 22.13 10.91 14.50
N GLY C 21 22.74 10.30 15.51
CA GLY C 21 22.05 10.00 16.75
C GLY C 21 22.66 8.78 17.41
N VAL C 22 21.89 7.71 17.49
CA VAL C 22 22.36 6.47 18.11
C VAL C 22 21.70 5.24 17.51
N VAL C 23 22.42 4.13 17.51
CA VAL C 23 21.91 2.87 17.00
C VAL C 23 21.84 1.87 18.17
N TYR C 24 20.64 1.43 18.51
CA TYR C 24 20.47 0.47 19.59
C TYR C 24 20.08 -0.89 19.04
N LYS C 25 20.34 -1.92 19.84
CA LYS C 25 19.94 -3.27 19.47
C LYS C 25 18.66 -3.36 20.26
N ALA C 26 17.59 -3.83 19.64
CA ALA C 26 16.32 -3.93 20.34
C ALA C 26 15.60 -5.21 19.97
N ARG C 27 14.57 -5.51 20.73
CA ARG C 27 13.77 -6.72 20.54
C ARG C 27 12.28 -6.38 20.48
N ASN C 28 11.58 -6.95 19.49
CA ASN C 28 10.14 -6.75 19.34
C ASN C 28 9.50 -7.61 20.43
N LYS C 29 8.91 -6.98 21.43
CA LYS C 29 8.30 -7.72 22.54
C LYS C 29 7.21 -8.72 22.14
N LEU C 30 6.48 -8.44 21.07
CA LEU C 30 5.40 -9.33 20.66
C LEU C 30 5.81 -10.46 19.72
N THR C 31 6.76 -10.21 18.84
CA THR C 31 7.19 -11.23 17.89
C THR C 31 8.53 -11.84 18.21
N GLY C 32 9.28 -11.17 19.10
CA GLY C 32 10.60 -11.66 19.48
C GLY C 32 11.69 -11.34 18.48
N GLU C 33 11.32 -10.72 17.36
CA GLU C 33 12.29 -10.38 16.32
C GLU C 33 13.35 -9.40 16.85
N VAL C 34 14.62 -9.72 16.58
CA VAL C 34 15.71 -8.86 17.00
C VAL C 34 15.93 -7.83 15.90
N VAL C 35 16.15 -6.58 16.31
CA VAL C 35 16.27 -5.53 15.33
C VAL C 35 17.27 -4.45 15.74
N ALA C 36 17.59 -3.56 14.79
CA ALA C 36 18.49 -2.44 15.07
C ALA C 36 17.69 -1.16 14.95
N LEU C 37 17.73 -0.34 15.99
CA LEU C 37 17.02 0.94 16.01
C LEU C 37 17.99 2.11 15.90
N LYS C 38 17.86 2.91 14.84
CA LYS C 38 18.70 4.10 14.71
C LYS C 38 17.83 5.28 15.14
N LYS C 39 18.12 5.81 16.32
CA LYS C 39 17.35 6.93 16.84
C LYS C 39 17.92 8.25 16.33
N ILE C 40 17.02 9.17 15.98
CA ILE C 40 17.41 10.47 15.48
C ILE C 40 16.60 11.51 16.24
N ARG C 41 17.28 12.35 17.02
CA ARG C 41 16.59 13.40 17.76
C ARG C 41 16.29 14.56 16.83
N LEU C 42 15.01 14.94 16.81
CA LEU C 42 14.53 15.98 15.94
C LEU C 42 14.39 17.35 16.55
N ASP C 43 14.62 18.36 15.71
CA ASP C 43 14.47 19.75 16.08
C ASP C 43 13.09 20.05 15.49
N THR C 44 12.08 20.07 16.35
CA THR C 44 10.70 20.30 15.92
C THR C 44 10.32 21.76 15.61
N GLU C 45 11.31 22.64 15.52
CA GLU C 45 11.02 24.04 15.21
C GLU C 45 12.12 24.74 14.41
N THR C 46 13.27 24.08 14.26
CA THR C 46 14.40 24.66 13.53
C THR C 46 14.92 23.82 12.38
N GLU C 47 14.75 22.50 12.44
CA GLU C 47 15.27 21.65 11.37
C GLU C 47 14.26 20.71 10.70
N GLY C 48 13.56 19.91 11.51
CA GLY C 48 12.63 18.95 10.96
C GLY C 48 13.38 17.66 10.70
N VAL C 49 13.02 16.95 9.63
CA VAL C 49 13.70 15.69 9.34
C VAL C 49 14.97 15.94 8.53
N PRO C 50 16.12 15.51 9.06
CA PRO C 50 17.45 15.65 8.45
C PRO C 50 17.54 15.08 7.05
N SER C 51 18.31 15.75 6.19
CA SER C 51 18.50 15.31 4.82
C SER C 51 18.98 13.87 4.77
N THR C 52 19.86 13.52 5.71
CA THR C 52 20.42 12.18 5.76
C THR C 52 19.34 11.13 5.98
N ALA C 53 18.35 11.45 6.82
CA ALA C 53 17.27 10.51 7.07
C ALA C 53 16.37 10.46 5.83
N ILE C 54 16.10 11.63 5.24
CA ILE C 54 15.27 11.71 4.05
C ILE C 54 15.86 10.82 2.97
N ARG C 55 17.18 10.92 2.77
CA ARG C 55 17.84 10.15 1.73
C ARG C 55 17.99 8.68 2.05
N GLU C 56 18.37 8.38 3.29
CA GLU C 56 18.54 6.99 3.67
C GLU C 56 17.21 6.23 3.60
N ILE C 57 16.16 6.79 4.19
CA ILE C 57 14.87 6.11 4.17
C ILE C 57 14.28 5.96 2.77
N SER C 58 14.17 7.06 2.03
CA SER C 58 13.61 7.00 0.68
C SER C 58 14.38 6.14 -0.30
N LEU C 59 15.71 6.16 -0.23
CA LEU C 59 16.49 5.35 -1.16
C LEU C 59 16.57 3.90 -0.70
N LEU C 60 16.77 3.71 0.59
CA LEU C 60 16.89 2.36 1.10
C LEU C 60 15.61 1.56 0.97
N LYS C 61 14.45 2.21 1.07
CA LYS C 61 13.20 1.47 0.96
C LYS C 61 12.92 1.05 -0.48
N GLU C 62 13.78 1.48 -1.39
CA GLU C 62 13.65 1.11 -2.80
C GLU C 62 14.68 0.02 -3.14
N LEU C 63 15.56 -0.28 -2.19
CA LEU C 63 16.60 -1.27 -2.41
C LEU C 63 16.41 -2.54 -1.60
N ASN C 64 15.80 -3.55 -2.20
CA ASN C 64 15.60 -4.81 -1.50
C ASN C 64 16.59 -5.80 -2.12
N HIS C 65 17.64 -6.11 -1.37
CA HIS C 65 18.68 -7.01 -1.85
C HIS C 65 19.32 -7.67 -0.64
N PRO C 66 19.80 -8.91 -0.79
CA PRO C 66 20.45 -9.64 0.31
C PRO C 66 21.69 -8.94 0.85
N ASN C 67 22.40 -8.23 -0.02
CA ASN C 67 23.61 -7.54 0.38
C ASN C 67 23.47 -6.04 0.65
N ILE C 68 22.27 -5.63 1.04
CA ILE C 68 21.98 -4.24 1.38
C ILE C 68 21.15 -4.29 2.64
N VAL C 69 21.58 -3.60 3.70
CA VAL C 69 20.86 -3.64 4.96
C VAL C 69 19.39 -3.34 4.72
N LYS C 70 18.53 -4.15 5.32
CA LYS C 70 17.09 -4.00 5.14
C LYS C 70 16.49 -3.03 6.14
N LEU C 71 15.70 -2.10 5.62
CA LEU C 71 15.00 -1.13 6.46
C LEU C 71 13.61 -1.72 6.68
N LEU C 72 13.34 -2.12 7.91
CA LEU C 72 12.07 -2.74 8.27
C LEU C 72 10.94 -1.77 8.59
N ASP C 73 11.28 -0.59 9.06
CA ASP C 73 10.22 0.33 9.44
C ASP C 73 10.73 1.72 9.80
N VAL C 74 9.80 2.65 9.96
CA VAL C 74 10.13 4.02 10.31
C VAL C 74 9.06 4.53 11.26
N ILE C 75 9.47 4.91 12.47
CA ILE C 75 8.51 5.44 13.43
C ILE C 75 8.82 6.91 13.64
N HIS C 76 7.85 7.77 13.31
CA HIS C 76 7.99 9.22 13.41
C HIS C 76 7.08 9.75 14.50
N THR C 77 7.64 9.96 15.70
CA THR C 77 6.82 10.52 16.79
C THR C 77 6.88 12.04 16.70
N GLU C 78 6.62 12.71 17.82
CA GLU C 78 6.64 14.16 17.87
C GLU C 78 8.07 14.69 17.83
N ASN C 79 8.93 14.11 18.67
CA ASN C 79 10.32 14.54 18.78
C ASN C 79 11.38 13.59 18.25
N LYS C 80 11.01 12.34 18.02
CA LYS C 80 12.00 11.40 17.52
C LYS C 80 11.61 10.71 16.22
N LEU C 81 12.63 10.31 15.47
CA LEU C 81 12.44 9.59 14.23
C LEU C 81 13.26 8.31 14.42
N TYR C 82 12.62 7.16 14.29
CA TYR C 82 13.32 5.88 14.43
C TYR C 82 13.36 5.08 13.14
N LEU C 83 14.54 4.63 12.75
CA LEU C 83 14.67 3.80 11.58
C LEU C 83 14.91 2.40 12.14
N VAL C 84 14.07 1.44 11.73
CA VAL C 84 14.19 0.07 12.18
C VAL C 84 14.80 -0.79 11.07
N PHE C 85 15.93 -1.43 11.38
CA PHE C 85 16.64 -2.27 10.40
C PHE C 85 16.82 -3.70 10.90
N GLU C 86 17.13 -4.60 9.97
CA GLU C 86 17.42 -5.96 10.36
C GLU C 86 18.67 -5.81 11.21
N PHE C 87 18.95 -6.78 12.08
CA PHE C 87 20.13 -6.68 12.93
C PHE C 87 21.32 -7.50 12.44
N LEU C 88 22.50 -6.89 12.47
CA LEU C 88 23.73 -7.56 12.08
C LEU C 88 24.72 -7.38 13.21
N HIS C 89 25.50 -8.41 13.48
CA HIS C 89 26.44 -8.42 14.59
C HIS C 89 27.60 -7.45 14.61
N GLN C 90 28.16 -7.09 13.46
CA GLN C 90 29.34 -6.24 13.51
C GLN C 90 29.68 -5.60 12.17
N ASP C 91 30.51 -4.55 12.21
CA ASP C 91 30.94 -3.89 10.97
C ASP C 91 32.32 -4.42 10.52
N LEU C 92 32.64 -4.26 9.24
CA LEU C 92 33.88 -4.76 8.69
C LEU C 92 35.13 -4.16 9.32
N LYS C 93 35.03 -2.94 9.83
CA LYS C 93 36.18 -2.30 10.44
C LYS C 93 36.59 -3.07 11.70
N LYS C 94 35.63 -3.25 12.59
CA LYS C 94 35.85 -3.96 13.85
C LYS C 94 36.40 -5.35 13.56
N PHE C 95 35.87 -6.01 12.53
CA PHE C 95 36.31 -7.34 12.16
C PHE C 95 37.76 -7.32 11.65
N MET C 96 38.10 -6.30 10.87
CA MET C 96 39.46 -6.19 10.35
C MET C 96 40.44 -6.01 11.49
N ASP C 97 40.07 -5.20 12.49
CA ASP C 97 40.95 -4.98 13.64
C ASP C 97 41.18 -6.29 14.38
N ALA C 98 40.10 -7.01 14.63
CA ALA C 98 40.18 -8.27 15.34
C ALA C 98 40.90 -9.35 14.53
N SER C 99 41.10 -9.10 13.25
CA SER C 99 41.77 -10.08 12.39
C SER C 99 43.21 -9.67 12.06
N ALA C 100 43.70 -8.61 12.71
CA ALA C 100 45.05 -8.12 12.46
C ALA C 100 46.13 -9.21 12.58
N LEU C 101 46.09 -9.94 13.70
CA LEU C 101 47.05 -11.01 13.95
C LEU C 101 47.07 -12.11 12.90
N THR C 102 45.92 -12.71 12.64
CA THR C 102 45.82 -13.80 11.69
C THR C 102 45.52 -13.36 10.25
N GLY C 103 44.83 -12.23 10.12
CA GLY C 103 44.47 -11.75 8.79
C GLY C 103 43.21 -12.47 8.33
N ILE C 104 42.43 -11.80 7.49
CA ILE C 104 41.21 -12.39 6.97
C ILE C 104 41.56 -13.35 5.85
N PRO C 105 41.13 -14.61 5.95
CA PRO C 105 41.39 -15.63 4.93
C PRO C 105 41.01 -15.15 3.55
N LEU C 106 41.85 -15.43 2.55
CA LEU C 106 41.54 -14.99 1.21
C LEU C 106 40.19 -15.51 0.70
N PRO C 107 39.79 -16.74 1.09
CA PRO C 107 38.49 -17.22 0.60
C PRO C 107 37.35 -16.33 1.10
N LEU C 108 37.46 -15.86 2.33
CA LEU C 108 36.43 -15.00 2.91
C LEU C 108 36.49 -13.61 2.30
N ILE C 109 37.70 -13.13 2.02
CA ILE C 109 37.87 -11.82 1.39
C ILE C 109 37.19 -11.87 0.04
N LYS C 110 37.39 -12.96 -0.68
CA LYS C 110 36.78 -13.11 -1.99
C LYS C 110 35.26 -13.11 -1.88
N SER C 111 34.75 -13.83 -0.90
CA SER C 111 33.31 -13.91 -0.67
C SER C 111 32.73 -12.52 -0.38
N TYR C 112 33.33 -11.82 0.57
CA TYR C 112 32.86 -10.48 0.93
C TYR C 112 32.88 -9.52 -0.26
N LEU C 113 33.99 -9.48 -0.98
CA LEU C 113 34.10 -8.59 -2.13
C LEU C 113 33.05 -8.94 -3.18
N PHE C 114 32.78 -10.23 -3.30
CA PHE C 114 31.79 -10.72 -4.26
C PHE C 114 30.40 -10.23 -3.89
N GLN C 115 30.07 -10.30 -2.62
CA GLN C 115 28.77 -9.84 -2.15
C GLN C 115 28.65 -8.32 -2.21
N LEU C 116 29.72 -7.63 -1.82
CA LEU C 116 29.70 -6.17 -1.85
C LEU C 116 29.41 -5.69 -3.26
N LEU C 117 30.04 -6.33 -4.24
CA LEU C 117 29.82 -5.96 -5.64
C LEU C 117 28.37 -6.27 -6.06
N GLN C 118 27.78 -7.31 -5.48
CA GLN C 118 26.41 -7.65 -5.82
C GLN C 118 25.48 -6.56 -5.30
N GLY C 119 25.67 -6.15 -4.05
CA GLY C 119 24.86 -5.11 -3.48
C GLY C 119 25.09 -3.77 -4.18
N LEU C 120 26.34 -3.47 -4.49
CA LEU C 120 26.65 -2.23 -5.17
C LEU C 120 26.05 -2.21 -6.56
N ALA C 121 26.16 -3.32 -7.28
CA ALA C 121 25.60 -3.38 -8.63
C ALA C 121 24.11 -3.11 -8.57
N PHE C 122 23.46 -3.66 -7.54
CA PHE C 122 22.03 -3.46 -7.39
C PHE C 122 21.72 -1.98 -7.16
N CYS C 123 22.54 -1.33 -6.33
CA CYS C 123 22.37 0.09 -6.04
C CYS C 123 22.46 0.88 -7.35
N HIS C 124 23.56 0.71 -8.04
CA HIS C 124 23.79 1.42 -9.28
C HIS C 124 22.76 1.18 -10.38
N SER C 125 22.27 -0.04 -10.52
CA SER C 125 21.28 -0.32 -11.55
C SER C 125 19.94 0.27 -11.14
N HIS C 126 19.87 0.76 -9.92
CA HIS C 126 18.66 1.40 -9.40
C HIS C 126 18.97 2.87 -9.13
N ARG C 127 19.89 3.41 -9.92
CA ARG C 127 20.33 4.79 -9.86
C ARG C 127 20.63 5.38 -8.47
N VAL C 128 21.26 4.59 -7.62
CA VAL C 128 21.64 5.08 -6.30
C VAL C 128 23.15 5.00 -6.11
N LEU C 129 23.75 6.10 -5.63
CA LEU C 129 25.19 6.13 -5.38
C LEU C 129 25.35 6.08 -3.87
N HIS C 130 26.22 5.20 -3.38
CA HIS C 130 26.41 5.13 -1.94
C HIS C 130 27.21 6.34 -1.46
N ARG C 131 28.35 6.55 -2.10
CA ARG C 131 29.24 7.69 -1.82
C ARG C 131 30.02 7.69 -0.52
N ASP C 132 29.83 6.70 0.34
CA ASP C 132 30.55 6.66 1.60
C ASP C 132 30.89 5.23 1.99
N LEU C 133 31.35 4.46 1.02
CA LEU C 133 31.71 3.08 1.26
C LEU C 133 33.04 2.99 2.00
N LYS C 134 32.98 2.54 3.25
CA LYS C 134 34.15 2.38 4.07
C LYS C 134 33.85 1.24 5.02
N PRO C 135 34.89 0.59 5.55
CA PRO C 135 34.74 -0.54 6.46
C PRO C 135 33.65 -0.45 7.53
N GLN C 136 33.56 0.67 8.23
CA GLN C 136 32.54 0.77 9.27
C GLN C 136 31.09 0.90 8.80
N ASN C 137 30.89 1.05 7.48
CA ASN C 137 29.54 1.14 6.93
C ASN C 137 29.16 -0.16 6.24
N LEU C 138 29.97 -1.20 6.46
CA LEU C 138 29.72 -2.52 5.88
C LEU C 138 29.44 -3.48 7.02
N LEU C 139 28.26 -4.09 7.02
CA LEU C 139 27.88 -5.01 8.09
C LEU C 139 27.96 -6.49 7.74
N ILE C 140 28.33 -7.30 8.73
CA ILE C 140 28.47 -8.74 8.55
C ILE C 140 27.79 -9.51 9.66
N ASN C 141 27.35 -10.72 9.35
CA ASN C 141 26.72 -11.57 10.35
C ASN C 141 27.59 -12.82 10.55
N THR C 142 27.12 -13.75 11.38
CA THR C 142 27.86 -14.98 11.65
C THR C 142 27.78 -16.02 10.53
N GLU C 143 26.84 -15.85 9.61
CA GLU C 143 26.67 -16.78 8.49
C GLU C 143 27.61 -16.53 7.32
N GLY C 144 28.37 -15.44 7.36
CA GLY C 144 29.28 -15.14 6.28
C GLY C 144 28.72 -14.17 5.27
N ALA C 145 27.66 -13.47 5.66
CA ALA C 145 27.04 -12.50 4.78
C ALA C 145 27.53 -11.10 5.12
N ILE C 146 27.59 -10.24 4.11
CA ILE C 146 28.01 -8.86 4.31
C ILE C 146 27.06 -7.95 3.52
N LYS C 147 26.64 -6.83 4.12
CA LYS C 147 25.72 -5.91 3.47
C LYS C 147 26.09 -4.44 3.57
N LEU C 148 25.75 -3.67 2.53
CA LEU C 148 26.02 -2.24 2.52
C LEU C 148 25.07 -1.58 3.51
N ALA C 149 25.55 -0.59 4.23
CA ALA C 149 24.71 0.11 5.20
C ALA C 149 25.05 1.58 5.24
N ASP C 150 24.27 2.33 6.01
CA ASP C 150 24.44 3.76 6.17
C ASP C 150 24.34 4.51 4.84
N PHE C 151 23.11 4.72 4.39
CA PHE C 151 22.88 5.43 3.13
C PHE C 151 22.54 6.91 3.36
N GLY C 152 23.03 7.45 4.47
CA GLY C 152 22.77 8.84 4.81
C GLY C 152 23.32 9.83 3.80
N LEU C 153 24.40 9.47 3.11
CA LEU C 153 25.00 10.35 2.12
C LEU C 153 24.70 9.82 0.72
N ALA C 154 23.84 8.82 0.63
CA ALA C 154 23.47 8.23 -0.65
C ALA C 154 22.68 9.24 -1.49
N ARG C 155 22.79 9.13 -2.80
CA ARG C 155 22.08 10.04 -3.69
C ARG C 155 21.53 9.35 -4.91
N ALA C 156 20.34 9.78 -5.33
CA ALA C 156 19.73 9.22 -6.52
C ALA C 156 20.38 9.98 -7.65
N PHE C 157 20.74 9.31 -8.74
CA PHE C 157 21.34 10.03 -9.85
C PHE C 157 20.60 9.95 -11.19
N GLY C 158 19.27 10.03 -11.13
CA GLY C 158 18.49 10.02 -12.37
C GLY C 158 18.94 11.28 -13.09
N VAL C 159 19.44 12.20 -12.29
CA VAL C 159 19.98 13.49 -12.72
C VAL C 159 21.38 13.51 -12.08
N PRO C 160 22.43 13.78 -12.87
CA PRO C 160 23.81 13.81 -12.38
C PRO C 160 24.01 14.52 -11.02
N VAL C 161 24.73 13.86 -10.13
CA VAL C 161 25.00 14.40 -8.80
C VAL C 161 26.22 15.33 -8.72
N ARG C 162 25.98 16.60 -8.40
CA ARG C 162 27.03 17.60 -8.29
C ARG C 162 27.96 17.35 -7.09
N THR C 163 29.25 17.57 -7.30
CA THR C 163 30.23 17.37 -6.25
C THR C 163 30.20 18.48 -5.23
N TYR C 164 30.28 18.08 -3.97
CA TYR C 164 30.27 19.01 -2.85
C TYR C 164 31.53 19.86 -2.91
N THR C 165 31.35 21.18 -2.81
CA THR C 165 32.49 22.08 -2.83
C THR C 165 33.41 21.54 -1.75
N HIS C 166 32.81 21.13 -0.64
CA HIS C 166 33.51 20.53 0.49
C HIS C 166 33.17 19.05 0.50
N GLU C 167 33.99 18.27 -0.21
CA GLU C 167 33.80 16.82 -0.33
C GLU C 167 33.32 16.10 0.92
N VAL C 168 32.60 15.01 0.73
CA VAL C 168 32.03 14.24 1.84
C VAL C 168 32.58 12.81 2.01
N VAL C 169 32.99 12.19 0.90
CA VAL C 169 33.55 10.83 0.94
C VAL C 169 34.79 10.79 1.84
N THR C 170 34.83 9.87 2.79
CA THR C 170 35.99 9.75 3.71
C THR C 170 37.28 9.78 2.90
N LEU C 171 38.24 10.61 3.34
CA LEU C 171 39.51 10.80 2.64
C LEU C 171 40.25 9.55 2.14
N TRP C 172 40.53 8.61 3.03
CA TRP C 172 41.23 7.39 2.65
C TRP C 172 40.59 6.63 1.50
N TYR C 173 39.27 6.74 1.36
CA TYR C 173 38.56 6.01 0.33
C TYR C 173 38.02 6.88 -0.80
N ARG C 174 38.50 8.13 -0.85
CA ARG C 174 38.05 9.08 -1.84
C ARG C 174 38.74 8.88 -3.19
N ALA C 175 37.95 8.80 -4.25
CA ALA C 175 38.48 8.59 -5.60
C ALA C 175 39.27 9.80 -6.10
N PRO C 176 40.26 9.56 -6.96
CA PRO C 176 41.09 10.65 -7.50
C PRO C 176 40.35 11.74 -8.27
N GLU C 177 39.33 11.37 -9.03
CA GLU C 177 38.55 12.35 -9.80
C GLU C 177 38.03 13.42 -8.83
N ILE C 178 37.57 12.95 -7.67
CA ILE C 178 37.03 13.85 -6.67
C ILE C 178 38.10 14.78 -6.13
N LEU C 179 39.25 14.20 -5.81
CA LEU C 179 40.38 14.96 -5.30
C LEU C 179 40.83 16.00 -6.31
N LEU C 180 40.74 15.66 -7.59
CA LEU C 180 41.12 16.59 -8.66
C LEU C 180 40.01 17.58 -9.02
N GLY C 181 38.92 17.55 -8.25
CA GLY C 181 37.82 18.47 -8.46
C GLY C 181 36.87 18.25 -9.62
N CYS C 182 36.49 17.01 -9.89
CA CYS C 182 35.56 16.74 -10.98
C CYS C 182 34.21 17.37 -10.64
N LYS C 183 33.43 17.68 -11.68
CA LYS C 183 32.13 18.32 -11.52
C LYS C 183 31.04 17.40 -10.95
N TYR C 184 31.03 16.14 -11.38
CA TYR C 184 30.00 15.21 -10.95
C TYR C 184 30.55 13.92 -10.41
N TYR C 185 29.78 13.27 -9.53
CA TYR C 185 30.17 11.97 -9.02
C TYR C 185 29.71 11.01 -10.11
N SER C 186 30.09 9.74 -9.98
CA SER C 186 29.68 8.73 -10.95
C SER C 186 29.74 7.44 -10.18
N THR C 187 29.25 6.35 -10.77
CA THR C 187 29.27 5.08 -10.09
C THR C 187 30.72 4.67 -9.77
N ALA C 188 31.65 5.20 -10.56
CA ALA C 188 33.07 4.91 -10.38
C ALA C 188 33.63 5.21 -8.99
N VAL C 189 33.17 6.27 -8.34
CA VAL C 189 33.70 6.58 -7.01
C VAL C 189 33.39 5.50 -5.99
N ASP C 190 32.28 4.79 -6.16
CA ASP C 190 31.93 3.71 -5.24
C ASP C 190 32.85 2.51 -5.52
N ILE C 191 33.13 2.24 -6.78
CA ILE C 191 34.00 1.13 -7.15
C ILE C 191 35.40 1.38 -6.59
N TRP C 192 35.85 2.62 -6.68
CA TRP C 192 37.15 2.98 -6.17
C TRP C 192 37.23 2.66 -4.69
N SER C 193 36.22 3.08 -3.93
CA SER C 193 36.21 2.82 -2.50
C SER C 193 36.29 1.33 -2.22
N LEU C 194 35.55 0.55 -2.99
CA LEU C 194 35.53 -0.90 -2.83
C LEU C 194 36.93 -1.45 -3.09
N GLY C 195 37.62 -0.90 -4.09
CA GLY C 195 38.97 -1.36 -4.39
C GLY C 195 39.89 -1.12 -3.20
N CYS C 196 39.82 0.07 -2.61
CA CYS C 196 40.65 0.40 -1.47
C CYS C 196 40.35 -0.56 -0.32
N ILE C 197 39.09 -0.93 -0.19
CA ILE C 197 38.68 -1.84 0.86
C ILE C 197 39.17 -3.24 0.56
N PHE C 198 39.13 -3.62 -0.70
CA PHE C 198 39.59 -4.94 -1.11
C PHE C 198 41.04 -5.08 -0.64
N ALA C 199 41.89 -4.18 -1.13
CA ALA C 199 43.31 -4.18 -0.78
C ALA C 199 43.55 -4.18 0.74
N GLU C 200 42.81 -3.32 1.44
CA GLU C 200 42.96 -3.24 2.88
C GLU C 200 42.74 -4.58 3.55
N MET C 201 41.74 -5.34 3.10
CA MET C 201 41.48 -6.64 3.70
C MET C 201 42.65 -7.59 3.43
N VAL C 202 43.18 -7.50 2.21
CA VAL C 202 44.28 -8.35 1.77
C VAL C 202 45.60 -8.09 2.50
N THR C 203 45.96 -6.83 2.67
CA THR C 203 47.23 -6.48 3.30
C THR C 203 47.20 -6.16 4.80
N ARG C 204 46.01 -5.93 5.34
CA ARG C 204 45.84 -5.60 6.76
C ARG C 204 46.20 -4.14 7.03
N ARG C 205 46.38 -3.37 5.97
CA ARG C 205 46.71 -1.95 6.12
C ARG C 205 45.96 -1.14 5.08
N ALA C 206 45.49 0.04 5.47
CA ALA C 206 44.78 0.91 4.53
C ALA C 206 45.67 1.16 3.32
N LEU C 207 45.08 1.16 2.13
CA LEU C 207 45.84 1.35 0.92
C LEU C 207 46.38 2.77 0.75
N PHE C 208 45.52 3.77 0.94
CA PHE C 208 45.93 5.16 0.78
C PHE C 208 45.51 6.00 1.98
N PRO C 209 46.22 5.87 3.10
CA PRO C 209 45.89 6.63 4.31
C PRO C 209 46.44 8.06 4.29
N GLY C 210 45.75 8.94 3.59
CA GLY C 210 46.21 10.32 3.51
C GLY C 210 45.91 11.17 4.74
N ASP C 211 46.73 12.20 4.95
CA ASP C 211 46.59 13.12 6.08
C ASP C 211 45.78 14.34 5.64
N SER C 212 45.81 14.60 4.34
CA SER C 212 45.10 15.74 3.75
C SER C 212 44.72 15.40 2.31
N GLU C 213 44.00 16.30 1.66
CA GLU C 213 43.59 16.07 0.28
C GLU C 213 44.80 15.89 -0.61
N ILE C 214 45.74 16.82 -0.53
CA ILE C 214 46.95 16.74 -1.34
C ILE C 214 47.79 15.50 -0.95
N ASP C 215 47.85 15.19 0.35
CA ASP C 215 48.63 14.02 0.77
C ASP C 215 47.97 12.74 0.26
N GLN C 216 46.63 12.73 0.30
CA GLN C 216 45.83 11.61 -0.17
C GLN C 216 46.16 11.39 -1.65
N LEU C 217 46.03 12.46 -2.42
CA LEU C 217 46.29 12.42 -3.85
C LEU C 217 47.69 11.89 -4.16
N PHE C 218 48.71 12.41 -3.46
CA PHE C 218 50.08 11.97 -3.70
C PHE C 218 50.35 10.52 -3.34
N ARG C 219 49.71 10.01 -2.29
CA ARG C 219 49.93 8.62 -1.92
C ARG C 219 49.42 7.74 -3.02
N ILE C 220 48.36 8.21 -3.69
CA ILE C 220 47.79 7.47 -4.80
C ILE C 220 48.78 7.51 -5.96
N PHE C 221 49.23 8.72 -6.31
CA PHE C 221 50.18 8.89 -7.40
C PHE C 221 51.42 8.03 -7.17
N ARG C 222 51.89 8.06 -5.94
CA ARG C 222 53.08 7.33 -5.51
C ARG C 222 52.94 5.82 -5.72
N THR C 223 51.72 5.31 -5.65
CA THR C 223 51.50 3.88 -5.81
C THR C 223 51.07 3.47 -7.22
N LEU C 224 50.18 4.27 -7.83
CA LEU C 224 49.68 3.95 -9.17
C LEU C 224 50.35 4.74 -10.28
N GLY C 225 51.26 5.64 -9.91
CA GLY C 225 51.94 6.45 -10.89
C GLY C 225 51.17 7.74 -11.12
N THR C 226 51.87 8.82 -11.44
CA THR C 226 51.19 10.08 -11.69
C THR C 226 50.53 9.97 -13.05
N PRO C 227 49.21 10.12 -13.10
CA PRO C 227 48.45 10.03 -14.35
C PRO C 227 48.76 11.14 -15.34
N ASP C 228 48.73 10.81 -16.62
CA ASP C 228 48.97 11.79 -17.68
C ASP C 228 47.85 11.69 -18.71
N GLU C 229 47.83 12.61 -19.67
CA GLU C 229 46.80 12.62 -20.70
C GLU C 229 46.59 11.28 -21.39
N VAL C 230 47.65 10.48 -21.49
CA VAL C 230 47.54 9.17 -22.13
C VAL C 230 46.76 8.19 -21.27
N VAL C 231 47.14 8.08 -19.99
CA VAL C 231 46.47 7.17 -19.06
C VAL C 231 45.03 7.61 -18.78
N TRP C 232 44.85 8.92 -18.64
CA TRP C 232 43.54 9.48 -18.31
C TRP C 232 43.30 10.80 -19.05
N PRO C 233 42.80 10.71 -20.29
CA PRO C 233 42.52 11.90 -21.10
C PRO C 233 41.73 12.94 -20.32
N GLY C 234 42.29 14.13 -20.20
CA GLY C 234 41.62 15.19 -19.47
C GLY C 234 42.17 15.51 -18.09
N VAL C 235 42.98 14.61 -17.50
CA VAL C 235 43.51 14.87 -16.17
C VAL C 235 44.09 16.26 -16.02
N THR C 236 45.02 16.61 -16.91
CA THR C 236 45.69 17.90 -16.86
C THR C 236 44.75 19.10 -16.95
N SER C 237 43.53 18.88 -17.41
CA SER C 237 42.56 19.95 -17.55
C SER C 237 41.64 20.11 -16.34
N MET C 238 41.68 19.14 -15.43
CA MET C 238 40.83 19.19 -14.25
C MET C 238 41.16 20.35 -13.32
N PRO C 239 40.13 20.91 -12.67
CA PRO C 239 40.25 22.03 -11.75
C PRO C 239 41.49 22.04 -10.86
N ASP C 240 41.55 21.10 -9.92
CA ASP C 240 42.66 21.03 -8.98
C ASP C 240 43.92 20.31 -9.44
N TYR C 241 44.06 20.10 -10.73
CA TYR C 241 45.27 19.45 -11.24
C TYR C 241 46.35 20.50 -11.47
N LYS C 242 47.55 20.25 -10.96
CA LYS C 242 48.66 21.17 -11.13
C LYS C 242 49.77 20.48 -11.91
N PRO C 243 50.27 21.14 -12.97
CA PRO C 243 51.34 20.57 -13.78
C PRO C 243 52.64 20.40 -12.98
N SER C 244 52.73 21.07 -11.84
CA SER C 244 53.89 20.97 -10.99
C SER C 244 53.85 19.72 -10.12
N PHE C 245 52.89 18.84 -10.40
CA PHE C 245 52.76 17.59 -9.66
C PHE C 245 54.00 16.75 -9.90
N PRO C 246 54.57 16.17 -8.84
CA PRO C 246 55.75 15.33 -9.08
C PRO C 246 55.30 14.18 -9.98
N LYS C 247 56.22 13.67 -10.78
CA LYS C 247 55.90 12.57 -11.69
C LYS C 247 56.40 11.23 -11.15
N TRP C 248 55.55 10.51 -10.44
CA TRP C 248 55.92 9.20 -9.90
C TRP C 248 55.60 8.09 -10.90
N ALA C 249 56.21 6.92 -10.71
CA ALA C 249 55.99 5.79 -11.59
C ALA C 249 55.10 4.75 -10.93
N ARG C 250 54.34 4.04 -11.74
CA ARG C 250 53.44 3.01 -11.22
C ARG C 250 54.21 1.90 -10.54
N GLN C 251 53.97 1.71 -9.25
CA GLN C 251 54.62 0.64 -8.50
C GLN C 251 54.16 -0.68 -9.08
N ASP C 252 54.92 -1.74 -8.82
CA ASP C 252 54.58 -3.07 -9.33
C ASP C 252 53.49 -3.63 -8.43
N PHE C 253 52.33 -3.92 -9.00
CA PHE C 253 51.20 -4.43 -8.22
C PHE C 253 51.45 -5.63 -7.34
N SER C 254 52.36 -6.51 -7.77
CA SER C 254 52.66 -7.70 -6.98
C SER C 254 53.26 -7.29 -5.64
N LYS C 255 53.78 -6.07 -5.57
CA LYS C 255 54.38 -5.57 -4.34
C LYS C 255 53.39 -4.74 -3.54
N VAL C 256 52.32 -4.28 -4.19
CA VAL C 256 51.30 -3.48 -3.53
C VAL C 256 50.35 -4.40 -2.76
N VAL C 257 50.00 -5.53 -3.38
CA VAL C 257 49.13 -6.52 -2.74
C VAL C 257 49.75 -7.90 -2.91
N PRO C 258 50.91 -8.12 -2.28
CA PRO C 258 51.68 -9.37 -2.32
C PRO C 258 50.90 -10.69 -2.24
N PRO C 259 49.91 -10.78 -1.35
CA PRO C 259 49.12 -12.01 -1.20
C PRO C 259 48.18 -12.38 -2.36
N LEU C 260 47.95 -11.47 -3.29
CA LEU C 260 47.05 -11.77 -4.39
C LEU C 260 47.73 -12.46 -5.55
N ASP C 261 46.93 -13.23 -6.29
CA ASP C 261 47.39 -13.96 -7.46
C ASP C 261 47.16 -13.09 -8.70
N GLU C 262 47.34 -13.68 -9.87
CA GLU C 262 47.16 -12.96 -11.12
C GLU C 262 45.74 -12.37 -11.25
N ASP C 263 44.73 -13.17 -10.98
CA ASP C 263 43.35 -12.70 -11.07
C ASP C 263 43.09 -11.56 -10.09
N GLY C 264 43.43 -11.78 -8.82
CA GLY C 264 43.24 -10.77 -7.81
C GLY C 264 43.87 -9.44 -8.17
N ARG C 265 45.10 -9.47 -8.67
CA ARG C 265 45.79 -8.24 -9.05
C ARG C 265 45.08 -7.58 -10.22
N SER C 266 44.59 -8.40 -11.14
CA SER C 266 43.88 -7.90 -12.32
C SER C 266 42.64 -7.13 -11.91
N LEU C 267 41.80 -7.76 -11.10
CA LEU C 267 40.57 -7.13 -10.65
C LEU C 267 40.84 -5.81 -9.94
N LEU C 268 41.70 -5.84 -8.92
CA LEU C 268 42.02 -4.64 -8.15
C LEU C 268 42.53 -3.50 -9.02
N SER C 269 43.36 -3.79 -10.01
CA SER C 269 43.87 -2.73 -10.85
C SER C 269 42.76 -2.14 -11.70
N GLN C 270 41.80 -2.97 -12.08
CA GLN C 270 40.67 -2.49 -12.87
C GLN C 270 39.76 -1.62 -12.01
N MET C 271 39.71 -1.92 -10.71
CA MET C 271 38.90 -1.14 -9.78
C MET C 271 39.58 0.16 -9.39
N LEU C 272 40.89 0.24 -9.58
CA LEU C 272 41.64 1.44 -9.23
C LEU C 272 42.10 2.19 -10.47
N HIS C 273 41.55 1.81 -11.61
CA HIS C 273 41.88 2.47 -12.88
C HIS C 273 41.63 3.97 -12.74
N TYR C 274 42.55 4.78 -13.22
CA TYR C 274 42.41 6.24 -13.12
C TYR C 274 41.22 6.89 -13.79
N ASP C 275 41.08 6.65 -15.10
CA ASP C 275 39.97 7.22 -15.85
C ASP C 275 38.65 6.61 -15.36
N PRO C 276 37.82 7.40 -14.67
CA PRO C 276 36.56 6.80 -14.19
C PRO C 276 35.70 6.16 -15.29
N ASN C 277 35.78 6.68 -16.51
CA ASN C 277 35.01 6.12 -17.62
C ASN C 277 35.47 4.70 -17.91
N LYS C 278 36.73 4.40 -17.57
CA LYS C 278 37.28 3.08 -17.83
C LYS C 278 37.35 2.20 -16.58
N ARG C 279 37.19 2.80 -15.41
CA ARG C 279 37.21 2.03 -14.18
C ARG C 279 36.09 0.99 -14.30
N ILE C 280 36.41 -0.26 -13.99
CA ILE C 280 35.44 -1.34 -14.09
C ILE C 280 34.14 -1.09 -13.29
N SER C 281 33.03 -1.64 -13.78
CA SER C 281 31.73 -1.51 -13.13
C SER C 281 31.50 -2.69 -12.21
N ALA C 282 30.62 -2.53 -11.22
CA ALA C 282 30.34 -3.63 -10.30
C ALA C 282 29.78 -4.82 -11.06
N LYS C 283 28.99 -4.52 -12.08
CA LYS C 283 28.38 -5.56 -12.92
C LYS C 283 29.50 -6.37 -13.57
N ALA C 284 30.41 -5.69 -14.26
CA ALA C 284 31.52 -6.37 -14.93
C ALA C 284 32.47 -7.06 -13.94
N ALA C 285 32.73 -6.42 -12.81
CA ALA C 285 33.61 -6.98 -11.79
C ALA C 285 33.14 -8.37 -11.38
N LEU C 286 31.83 -8.53 -11.26
CA LEU C 286 31.27 -9.81 -10.87
C LEU C 286 31.59 -10.94 -11.84
N ALA C 287 31.81 -10.59 -13.10
CA ALA C 287 32.12 -11.58 -14.12
C ALA C 287 33.60 -11.93 -14.16
N HIS C 288 34.43 -11.12 -13.50
CA HIS C 288 35.86 -11.34 -13.48
C HIS C 288 36.21 -12.75 -12.98
N PRO C 289 37.18 -13.41 -13.63
CA PRO C 289 37.63 -14.76 -13.26
C PRO C 289 38.03 -14.94 -11.81
N PHE C 290 38.35 -13.84 -11.14
CA PHE C 290 38.75 -13.88 -9.74
C PHE C 290 37.67 -14.56 -8.89
N PHE C 291 36.41 -14.44 -9.31
CA PHE C 291 35.30 -15.01 -8.56
C PHE C 291 34.88 -16.38 -9.09
N GLN C 292 35.71 -16.93 -9.97
CA GLN C 292 35.46 -18.23 -10.58
C GLN C 292 35.13 -19.30 -9.55
N ASP C 293 35.85 -19.27 -8.43
CA ASP C 293 35.68 -20.26 -7.38
C ASP C 293 35.13 -19.74 -6.06
N VAL C 294 34.48 -18.58 -6.09
CA VAL C 294 33.96 -18.00 -4.86
C VAL C 294 33.12 -19.00 -4.05
N THR C 295 33.12 -18.82 -2.73
CA THR C 295 32.37 -19.66 -1.80
C THR C 295 31.87 -18.76 -0.67
N LYS C 296 31.15 -19.32 0.30
CA LYS C 296 30.62 -18.51 1.39
C LYS C 296 31.10 -18.96 2.77
N PRO C 297 32.37 -18.69 3.09
CA PRO C 297 32.96 -19.07 4.37
C PRO C 297 32.30 -18.30 5.52
N VAL C 298 32.32 -18.87 6.72
CA VAL C 298 31.75 -18.17 7.87
C VAL C 298 32.92 -17.57 8.64
N PRO C 299 32.79 -16.32 9.06
CA PRO C 299 33.87 -15.67 9.81
C PRO C 299 33.93 -16.07 11.27
N HIS C 300 35.11 -15.89 11.87
CA HIS C 300 35.29 -16.17 13.28
C HIS C 300 34.99 -14.83 13.95
N LEU C 301 33.72 -14.59 14.28
CA LEU C 301 33.37 -13.34 14.94
C LEU C 301 33.60 -13.47 16.42
N ARG C 302 34.41 -12.57 16.96
CA ARG C 302 34.73 -12.57 18.37
C ARG C 302 33.72 -11.71 19.12
N TYR D 11 25.35 2.28 -16.43
CA TYR D 11 24.05 1.54 -16.31
C TYR D 11 22.94 2.30 -17.01
N HIS D 12 23.34 3.28 -17.81
CA HIS D 12 22.42 4.13 -18.57
C HIS D 12 21.12 3.42 -18.91
N GLU D 13 21.23 2.25 -19.52
CA GLU D 13 20.06 1.47 -19.92
C GLU D 13 19.29 0.90 -18.74
N ASP D 14 19.99 0.29 -17.79
CA ASP D 14 19.35 -0.27 -16.62
C ASP D 14 18.59 0.82 -15.87
N ILE D 15 19.15 2.02 -15.87
CA ILE D 15 18.54 3.16 -15.17
C ILE D 15 17.30 3.69 -15.88
N HIS D 16 17.36 3.79 -17.20
CA HIS D 16 16.22 4.27 -17.94
C HIS D 16 15.07 3.29 -17.69
N THR D 17 15.37 2.00 -17.82
CA THR D 17 14.39 0.96 -17.62
C THR D 17 13.78 1.05 -16.23
N TYR D 18 14.61 1.38 -15.24
CA TYR D 18 14.13 1.49 -13.87
C TYR D 18 13.27 2.74 -13.69
N LEU D 19 13.67 3.84 -14.30
CA LEU D 19 12.92 5.07 -14.19
C LEU D 19 11.56 4.88 -14.83
N ARG D 20 11.55 4.18 -15.97
CA ARG D 20 10.32 3.92 -16.69
C ARG D 20 9.40 3.09 -15.80
N GLU D 21 10.01 2.18 -15.04
CA GLU D 21 9.26 1.34 -14.12
C GLU D 21 8.68 2.17 -12.99
N MET D 22 9.52 3.00 -12.38
CA MET D 22 9.09 3.81 -11.25
C MET D 22 8.11 4.94 -11.57
N GLU D 23 8.19 5.53 -12.77
CA GLU D 23 7.30 6.64 -13.12
C GLU D 23 5.85 6.18 -13.15
N VAL D 24 5.64 4.91 -13.46
CA VAL D 24 4.30 4.35 -13.50
C VAL D 24 3.72 4.15 -12.10
N LYS D 25 4.57 4.23 -11.07
CA LYS D 25 4.09 4.04 -9.70
C LYS D 25 3.89 5.34 -8.91
N CYS D 26 4.79 6.31 -9.08
CA CYS D 26 4.66 7.58 -8.37
C CYS D 26 3.59 8.43 -9.06
N LYS D 27 2.75 7.77 -9.86
CA LYS D 27 1.71 8.45 -10.63
C LYS D 27 0.49 8.85 -9.82
N PRO D 28 0.17 10.16 -9.78
CA PRO D 28 -0.96 10.71 -9.05
C PRO D 28 -2.28 10.50 -9.81
N LYS D 29 -3.41 10.58 -9.10
CA LYS D 29 -4.72 10.40 -9.73
C LYS D 29 -4.98 11.51 -10.74
N VAL D 30 -5.10 11.14 -12.01
CA VAL D 30 -5.33 12.13 -13.07
C VAL D 30 -6.49 13.07 -12.81
N GLY D 31 -7.56 12.59 -12.20
CA GLY D 31 -8.70 13.46 -11.96
C GLY D 31 -8.92 13.89 -10.52
N TYR D 32 -7.86 13.98 -9.73
CA TYR D 32 -8.01 14.35 -8.33
C TYR D 32 -8.60 15.74 -8.10
N MET D 33 -8.35 16.67 -9.01
CA MET D 33 -8.84 18.04 -8.83
C MET D 33 -10.35 18.19 -8.80
N LYS D 34 -11.05 17.39 -9.60
CA LYS D 34 -12.51 17.45 -9.63
C LYS D 34 -13.06 16.96 -8.27
N LYS D 35 -12.26 16.17 -7.56
CA LYS D 35 -12.66 15.63 -6.26
C LYS D 35 -12.25 16.54 -5.11
N GLN D 36 -11.49 17.58 -5.39
CA GLN D 36 -11.09 18.52 -4.36
C GLN D 36 -12.25 19.50 -4.23
N PRO D 37 -12.82 19.60 -3.03
CA PRO D 37 -13.94 20.49 -2.77
C PRO D 37 -13.63 21.98 -2.78
N ASP D 38 -12.38 22.33 -2.50
CA ASP D 38 -12.05 23.75 -2.41
C ASP D 38 -10.95 24.31 -3.28
N ILE D 39 -10.09 23.47 -3.88
CA ILE D 39 -9.04 24.01 -4.73
C ILE D 39 -9.28 23.70 -6.19
N THR D 40 -8.61 24.46 -7.06
CA THR D 40 -8.78 24.32 -8.50
C THR D 40 -7.46 24.31 -9.24
N ASN D 41 -7.52 23.99 -10.53
CA ASN D 41 -6.32 23.97 -11.35
C ASN D 41 -5.67 25.34 -11.36
N SER D 42 -6.47 26.39 -11.36
CA SER D 42 -5.93 27.74 -11.36
C SER D 42 -5.16 28.04 -10.08
N MET D 43 -5.68 27.56 -8.95
CA MET D 43 -4.99 27.76 -7.69
C MET D 43 -3.67 27.00 -7.70
N ARG D 44 -3.66 25.84 -8.33
CA ARG D 44 -2.46 25.02 -8.40
C ARG D 44 -1.43 25.72 -9.29
N ALA D 45 -1.91 26.23 -10.42
CA ALA D 45 -1.05 26.94 -11.35
C ALA D 45 -0.35 28.10 -10.61
N ILE D 46 -1.13 28.87 -9.86
CA ILE D 46 -0.58 29.98 -9.10
C ILE D 46 0.46 29.48 -8.10
N LEU D 47 0.20 28.33 -7.49
CA LEU D 47 1.11 27.75 -6.51
C LEU D 47 2.43 27.33 -7.15
N VAL D 48 2.35 26.59 -8.25
CA VAL D 48 3.56 26.12 -8.91
C VAL D 48 4.39 27.28 -9.42
N ASP D 49 3.71 28.29 -9.98
CA ASP D 49 4.39 29.47 -10.50
C ASP D 49 5.17 30.16 -9.38
N TRP D 50 4.61 30.13 -8.18
CA TRP D 50 5.25 30.73 -7.01
C TRP D 50 6.48 29.91 -6.61
N LEU D 51 6.39 28.60 -6.74
CA LEU D 51 7.50 27.74 -6.39
C LEU D 51 8.67 28.04 -7.30
N VAL D 52 8.38 28.35 -8.56
CA VAL D 52 9.42 28.68 -9.52
C VAL D 52 10.15 29.93 -9.03
N GLU D 53 9.39 30.92 -8.55
CA GLU D 53 9.97 32.14 -8.02
C GLU D 53 10.85 31.80 -6.83
N VAL D 54 10.28 31.05 -5.88
CA VAL D 54 11.02 30.66 -4.70
C VAL D 54 12.33 30.02 -5.12
N GLY D 55 12.25 29.17 -6.15
CA GLY D 55 13.43 28.50 -6.66
C GLY D 55 14.49 29.45 -7.17
N GLU D 56 14.06 30.53 -7.82
CA GLU D 56 15.00 31.52 -8.33
C GLU D 56 15.60 32.36 -7.19
N GLU D 57 14.78 32.67 -6.17
CA GLU D 57 15.25 33.43 -5.03
C GLU D 57 16.33 32.68 -4.25
N TYR D 58 16.14 31.37 -4.10
CA TYR D 58 17.07 30.56 -3.34
C TYR D 58 18.03 29.75 -4.21
N LYS D 59 18.01 30.05 -5.51
CA LYS D 59 18.88 29.38 -6.48
C LYS D 59 18.83 27.85 -6.38
N LEU D 60 17.62 27.30 -6.30
CA LEU D 60 17.45 25.87 -6.21
C LEU D 60 17.53 25.23 -7.61
N GLN D 61 17.87 23.94 -7.64
CA GLN D 61 17.98 23.20 -8.90
C GLN D 61 16.60 23.00 -9.53
N ASN D 62 16.55 22.81 -10.85
CA ASN D 62 15.26 22.60 -11.48
C ASN D 62 14.66 21.30 -10.97
N GLU D 63 15.51 20.30 -10.73
CA GLU D 63 15.06 19.02 -10.23
C GLU D 63 14.26 19.18 -8.93
N THR D 64 14.70 20.07 -8.04
CA THR D 64 14.01 20.30 -6.79
C THR D 64 12.57 20.75 -7.08
N LEU D 65 12.43 21.70 -8.01
CA LEU D 65 11.13 22.21 -8.41
C LEU D 65 10.23 21.06 -8.91
N HIS D 66 10.77 20.25 -9.82
CA HIS D 66 10.01 19.13 -10.37
C HIS D 66 9.58 18.15 -9.28
N LEU D 67 10.48 17.83 -8.38
CA LEU D 67 10.17 16.89 -7.31
C LEU D 67 9.05 17.44 -6.44
N ALA D 68 9.13 18.72 -6.10
CA ALA D 68 8.11 19.33 -5.26
C ALA D 68 6.72 19.22 -5.88
N VAL D 69 6.63 19.49 -7.18
CA VAL D 69 5.36 19.41 -7.88
C VAL D 69 4.82 17.98 -7.83
N ASN D 70 5.73 17.01 -7.96
CA ASN D 70 5.37 15.60 -7.89
C ASN D 70 4.80 15.27 -6.51
N TYR D 71 5.44 15.81 -5.47
CA TYR D 71 4.97 15.55 -4.11
C TYR D 71 3.60 16.16 -3.90
N ILE D 72 3.46 17.41 -4.33
CA ILE D 72 2.19 18.13 -4.18
C ILE D 72 1.04 17.39 -4.88
N ASP D 73 1.25 16.95 -6.12
CA ASP D 73 0.19 16.26 -6.85
C ASP D 73 -0.20 14.93 -6.22
N ARG D 74 0.77 14.19 -5.70
CA ARG D 74 0.47 12.91 -5.06
C ARG D 74 -0.27 13.14 -3.76
N PHE D 75 0.16 14.13 -3.00
CA PHE D 75 -0.46 14.45 -1.71
C PHE D 75 -1.92 14.86 -1.94
N LEU D 76 -2.15 15.71 -2.94
CA LEU D 76 -3.49 16.18 -3.25
C LEU D 76 -4.36 15.06 -3.83
N SER D 77 -3.74 14.00 -4.34
CA SER D 77 -4.49 12.88 -4.90
C SER D 77 -5.24 12.12 -3.79
N SER D 78 -4.79 12.24 -2.55
CA SER D 78 -5.46 11.54 -1.46
C SER D 78 -5.78 12.38 -0.23
N MET D 79 -5.61 13.69 -0.31
CA MET D 79 -5.92 14.53 0.84
C MET D 79 -6.64 15.81 0.43
N SER D 80 -7.82 16.04 0.99
CA SER D 80 -8.56 17.25 0.69
C SER D 80 -7.84 18.39 1.39
N VAL D 81 -7.58 19.46 0.66
CA VAL D 81 -6.89 20.60 1.25
C VAL D 81 -7.68 21.86 0.91
N LEU D 82 -7.78 22.77 1.88
CA LEU D 82 -8.52 24.02 1.67
C LEU D 82 -7.62 25.14 1.16
N ARG D 83 -8.22 26.09 0.45
CA ARG D 83 -7.52 27.25 -0.11
C ARG D 83 -6.37 27.72 0.75
N GLY D 84 -6.69 28.02 2.01
CA GLY D 84 -5.70 28.53 2.94
C GLY D 84 -4.53 27.66 3.31
N LYS D 85 -4.62 26.36 3.07
CA LYS D 85 -3.54 25.44 3.43
C LYS D 85 -2.75 24.94 2.22
N LEU D 86 -3.25 25.24 1.03
CA LEU D 86 -2.59 24.81 -0.20
C LEU D 86 -1.13 25.24 -0.23
N GLN D 87 -0.85 26.46 0.20
CA GLN D 87 0.51 26.96 0.18
C GLN D 87 1.37 26.25 1.21
N LEU D 88 0.76 25.87 2.33
CA LEU D 88 1.50 25.17 3.37
C LEU D 88 1.97 23.80 2.82
N VAL D 89 1.11 23.16 2.04
CA VAL D 89 1.46 21.88 1.46
C VAL D 89 2.62 22.09 0.49
N GLY D 90 2.48 23.12 -0.34
CA GLY D 90 3.50 23.43 -1.33
C GLY D 90 4.83 23.78 -0.70
N THR D 91 4.80 24.52 0.41
CA THR D 91 6.02 24.91 1.09
C THR D 91 6.74 23.71 1.68
N ALA D 92 5.97 22.82 2.31
CA ALA D 92 6.56 21.63 2.90
C ALA D 92 7.10 20.76 1.77
N ALA D 93 6.41 20.76 0.63
CA ALA D 93 6.85 19.95 -0.50
C ALA D 93 8.21 20.46 -0.97
N MET D 94 8.35 21.77 -1.06
CA MET D 94 9.59 22.40 -1.50
C MET D 94 10.71 22.09 -0.49
N LEU D 95 10.41 22.20 0.80
CA LEU D 95 11.39 21.92 1.84
C LEU D 95 11.89 20.47 1.74
N LEU D 96 10.96 19.52 1.56
CA LEU D 96 11.34 18.12 1.45
C LEU D 96 12.18 17.85 0.20
N ALA D 97 11.78 18.43 -0.92
CA ALA D 97 12.52 18.27 -2.17
C ALA D 97 13.92 18.83 -2.03
N SER D 98 14.05 19.94 -1.30
CA SER D 98 15.34 20.58 -1.11
C SER D 98 16.26 19.68 -0.30
N LYS D 99 15.74 19.11 0.77
CA LYS D 99 16.53 18.23 1.61
C LYS D 99 16.97 17.01 0.83
N PHE D 100 16.13 16.57 -0.09
CA PHE D 100 16.44 15.39 -0.90
C PHE D 100 17.42 15.65 -2.03
N GLU D 101 17.21 16.74 -2.75
CA GLU D 101 18.02 17.04 -3.92
C GLU D 101 19.18 18.05 -3.78
N GLU D 102 19.01 19.09 -2.96
CA GLU D 102 20.05 20.11 -2.81
C GLU D 102 21.26 19.68 -1.97
N ILE D 103 22.41 20.27 -2.24
CA ILE D 103 23.61 19.96 -1.46
C ILE D 103 23.46 20.65 -0.11
N TYR D 104 23.02 21.89 -0.14
CA TYR D 104 22.79 22.67 1.07
C TYR D 104 21.41 23.31 0.93
N PRO D 105 20.37 22.65 1.45
CA PRO D 105 19.01 23.18 1.37
C PRO D 105 18.76 24.35 2.31
N PRO D 106 17.86 25.25 1.93
CA PRO D 106 17.56 26.40 2.79
C PRO D 106 17.01 25.83 4.10
N GLU D 107 17.11 26.60 5.17
CA GLU D 107 16.59 26.14 6.47
C GLU D 107 15.09 26.38 6.53
N VAL D 108 14.43 25.72 7.47
CA VAL D 108 13.01 25.88 7.62
C VAL D 108 12.65 27.35 7.76
N ALA D 109 13.44 28.07 8.56
CA ALA D 109 13.22 29.48 8.78
C ALA D 109 13.04 30.20 7.43
N GLU D 110 13.93 29.88 6.48
CA GLU D 110 13.88 30.50 5.16
C GLU D 110 12.61 30.20 4.39
N PHE D 111 12.11 28.97 4.49
CA PHE D 111 10.87 28.65 3.80
C PHE D 111 9.69 29.36 4.48
N VAL D 112 9.77 29.53 5.79
CA VAL D 112 8.71 30.24 6.52
C VAL D 112 8.72 31.71 6.10
N TYR D 113 9.91 32.23 5.76
CA TYR D 113 10.07 33.62 5.35
C TYR D 113 9.38 33.95 4.03
N ILE D 114 9.62 33.10 3.01
CA ILE D 114 9.04 33.31 1.70
C ILE D 114 7.51 33.14 1.64
N THR D 115 6.91 32.67 2.73
CA THR D 115 5.46 32.52 2.78
C THR D 115 4.91 33.76 3.45
N ASP D 116 5.80 34.74 3.67
CA ASP D 116 5.47 36.02 4.32
C ASP D 116 4.83 35.83 5.69
N ASP D 117 5.36 34.86 6.45
CA ASP D 117 4.85 34.56 7.77
C ASP D 117 3.35 34.26 7.76
N THR D 118 2.91 33.58 6.71
CA THR D 118 1.51 33.18 6.59
C THR D 118 1.37 31.96 7.50
N TYR D 119 2.46 31.21 7.62
CA TYR D 119 2.51 30.00 8.43
C TYR D 119 3.64 30.04 9.43
N THR D 120 3.57 29.17 10.43
CA THR D 120 4.57 29.09 11.49
C THR D 120 5.64 28.06 11.16
N LYS D 121 6.81 28.18 11.80
CA LYS D 121 7.86 27.20 11.58
C LYS D 121 7.28 25.86 12.04
N LYS D 122 6.46 25.91 13.09
CA LYS D 122 5.82 24.72 13.62
C LYS D 122 4.88 24.10 12.58
N GLN D 123 4.02 24.92 11.99
CA GLN D 123 3.09 24.42 10.99
C GLN D 123 3.82 23.75 9.83
N VAL D 124 4.90 24.39 9.37
CA VAL D 124 5.64 23.84 8.25
C VAL D 124 6.28 22.50 8.60
N LEU D 125 6.84 22.38 9.79
CA LEU D 125 7.45 21.12 10.18
C LEU D 125 6.39 20.06 10.43
N ARG D 126 5.21 20.46 10.91
CA ARG D 126 4.14 19.49 11.14
C ARG D 126 3.64 19.00 9.78
N MET D 127 3.56 19.91 8.81
CA MET D 127 3.12 19.55 7.47
C MET D 127 4.15 18.65 6.79
N GLU D 128 5.43 18.84 7.10
CA GLU D 128 6.48 18.01 6.52
C GLU D 128 6.24 16.57 6.95
N HIS D 129 5.96 16.41 8.24
CA HIS D 129 5.70 15.10 8.83
C HIS D 129 4.51 14.47 8.12
N LEU D 130 3.42 15.22 7.99
CA LEU D 130 2.21 14.71 7.33
C LEU D 130 2.46 14.36 5.87
N VAL D 131 3.19 15.21 5.14
CA VAL D 131 3.47 14.90 3.74
C VAL D 131 4.28 13.63 3.65
N LEU D 132 5.26 13.48 4.53
CA LEU D 132 6.08 12.27 4.54
C LEU D 132 5.19 11.04 4.82
N LYS D 133 4.29 11.15 5.79
CA LYS D 133 3.36 10.07 6.12
C LYS D 133 2.53 9.72 4.88
N VAL D 134 1.83 10.72 4.34
CA VAL D 134 1.00 10.47 3.20
C VAL D 134 1.76 9.90 2.02
N LEU D 135 3.00 10.34 1.81
CA LEU D 135 3.76 9.82 0.67
C LEU D 135 4.61 8.61 1.06
N THR D 136 4.50 8.20 2.32
CA THR D 136 5.25 7.07 2.88
C THR D 136 6.74 7.12 2.52
N PHE D 137 7.35 8.28 2.75
CA PHE D 137 8.77 8.50 2.48
C PHE D 137 9.27 8.17 1.09
N ASP D 138 8.37 7.98 0.13
CA ASP D 138 8.81 7.66 -1.21
C ASP D 138 9.08 8.93 -2.01
N LEU D 139 10.23 9.55 -1.73
CA LEU D 139 10.59 10.80 -2.38
C LEU D 139 11.41 10.73 -3.65
N ALA D 140 12.11 9.62 -3.89
CA ALA D 140 12.94 9.51 -5.10
C ALA D 140 12.09 9.29 -6.33
N ALA D 141 11.26 10.27 -6.68
CA ALA D 141 10.37 10.16 -7.83
C ALA D 141 11.00 10.55 -9.14
N PRO D 142 10.56 9.89 -10.23
CA PRO D 142 11.06 10.16 -11.59
C PRO D 142 10.43 11.47 -12.06
N THR D 143 11.23 12.34 -12.66
CA THR D 143 10.74 13.63 -13.13
C THR D 143 11.01 13.82 -14.62
N VAL D 144 10.29 14.77 -15.21
CA VAL D 144 10.49 15.09 -16.62
C VAL D 144 11.97 15.38 -16.81
N ASN D 145 12.50 16.14 -15.84
CA ASN D 145 13.90 16.56 -15.80
C ASN D 145 14.86 15.39 -15.94
N GLN D 146 14.63 14.32 -15.19
CA GLN D 146 15.49 13.15 -15.25
C GLN D 146 15.44 12.51 -16.63
N PHE D 147 14.25 12.39 -17.22
CA PHE D 147 14.15 11.80 -18.54
C PHE D 147 14.81 12.69 -19.60
N LEU D 148 14.72 14.01 -19.43
CA LEU D 148 15.35 14.91 -20.38
C LEU D 148 16.87 14.75 -20.31
N THR D 149 17.39 14.52 -19.10
CA THR D 149 18.83 14.35 -18.91
C THR D 149 19.31 13.08 -19.62
N GLN D 150 18.51 12.03 -19.53
CA GLN D 150 18.84 10.78 -20.17
C GLN D 150 18.79 10.95 -21.69
N TYR D 151 17.83 11.73 -22.17
CA TYR D 151 17.70 11.93 -23.62
C TYR D 151 18.82 12.77 -24.18
N PHE D 152 19.32 13.71 -23.38
CA PHE D 152 20.39 14.58 -23.84
C PHE D 152 21.70 13.87 -24.22
N LEU D 153 21.87 12.63 -23.77
CA LEU D 153 23.07 11.89 -24.12
C LEU D 153 22.97 11.36 -25.55
N HIS D 154 21.74 11.23 -26.04
CA HIS D 154 21.50 10.74 -27.41
C HIS D 154 21.40 11.90 -28.38
N GLN D 155 21.95 13.04 -27.97
CA GLN D 155 21.94 14.22 -28.81
C GLN D 155 23.28 14.29 -29.51
N GLN D 156 23.30 13.92 -30.78
CA GLN D 156 24.52 13.94 -31.57
C GLN D 156 25.23 15.28 -31.37
N PRO D 157 24.84 16.34 -32.10
CA PRO D 157 25.60 17.56 -31.81
C PRO D 157 24.96 18.23 -30.58
N ALA D 158 25.45 17.91 -29.39
CA ALA D 158 24.89 18.49 -28.17
C ALA D 158 24.79 20.01 -28.31
N ASN D 159 23.56 20.50 -28.31
CA ASN D 159 23.32 21.94 -28.44
C ASN D 159 22.69 22.49 -27.16
N CYS D 160 23.36 23.46 -26.56
CA CYS D 160 22.91 24.08 -25.32
C CYS D 160 21.57 24.82 -25.42
N LYS D 161 21.29 25.43 -26.57
CA LYS D 161 20.02 26.13 -26.74
C LYS D 161 18.87 25.11 -26.80
N VAL D 162 19.12 23.96 -27.42
CA VAL D 162 18.10 22.93 -27.49
C VAL D 162 17.82 22.41 -26.09
N GLU D 163 18.88 22.25 -25.30
CA GLU D 163 18.72 21.78 -23.93
C GLU D 163 17.92 22.78 -23.10
N SER D 164 18.24 24.06 -23.23
CA SER D 164 17.53 25.09 -22.48
C SER D 164 16.07 25.18 -22.86
N LEU D 165 15.79 25.10 -24.15
CA LEU D 165 14.42 25.17 -24.62
C LEU D 165 13.62 23.96 -24.17
N ALA D 166 14.26 22.78 -24.19
CA ALA D 166 13.57 21.56 -23.76
C ALA D 166 13.23 21.68 -22.29
N MET D 167 14.18 22.22 -21.52
CA MET D 167 14.01 22.43 -20.08
C MET D 167 12.82 23.35 -19.87
N PHE D 168 12.78 24.43 -20.65
CA PHE D 168 11.72 25.42 -20.59
C PHE D 168 10.35 24.79 -20.86
N LEU D 169 10.24 24.05 -21.96
CA LEU D 169 8.99 23.39 -22.30
C LEU D 169 8.58 22.41 -21.20
N GLY D 170 9.55 21.64 -20.72
CA GLY D 170 9.26 20.69 -19.66
C GLY D 170 8.79 21.37 -18.40
N GLU D 171 9.37 22.52 -18.09
CA GLU D 171 9.00 23.23 -16.88
C GLU D 171 7.60 23.83 -17.00
N LEU D 172 7.23 24.25 -18.20
CA LEU D 172 5.91 24.82 -18.42
C LEU D 172 4.81 23.80 -18.13
N SER D 173 5.09 22.52 -18.39
CA SER D 173 4.10 21.48 -18.18
C SER D 173 3.73 21.32 -16.70
N LEU D 174 4.62 21.75 -15.81
CA LEU D 174 4.35 21.64 -14.38
C LEU D 174 3.21 22.57 -13.94
N ILE D 175 3.02 23.66 -14.67
CA ILE D 175 2.00 24.66 -14.34
C ILE D 175 0.53 24.26 -14.51
N ASP D 176 0.22 23.54 -15.58
CA ASP D 176 -1.15 23.18 -15.86
C ASP D 176 -1.51 21.71 -15.67
N ALA D 177 -2.15 21.41 -14.54
CA ALA D 177 -2.57 20.04 -14.23
C ALA D 177 -3.32 19.47 -15.42
N ASP D 178 -4.11 20.32 -16.09
CA ASP D 178 -4.83 19.90 -17.28
C ASP D 178 -4.08 20.58 -18.43
N PRO D 179 -3.61 19.80 -19.40
CA PRO D 179 -3.72 18.34 -19.54
C PRO D 179 -2.50 17.51 -19.14
N TYR D 180 -1.44 18.13 -18.64
CA TYR D 180 -0.23 17.36 -18.34
C TYR D 180 -0.26 16.25 -17.30
N LEU D 181 -1.22 16.30 -16.40
CA LEU D 181 -1.33 15.27 -15.37
C LEU D 181 -1.62 13.89 -15.98
N LYS D 182 -2.12 13.85 -17.21
CA LYS D 182 -2.44 12.57 -17.82
C LYS D 182 -1.33 11.98 -18.65
N TYR D 183 -0.17 12.63 -18.68
CA TYR D 183 0.98 12.13 -19.43
C TYR D 183 2.09 11.71 -18.50
N LEU D 184 2.86 10.71 -18.88
CA LEU D 184 3.97 10.26 -18.05
C LEU D 184 5.17 11.17 -18.29
N PRO D 185 6.01 11.35 -17.26
CA PRO D 185 7.18 12.21 -17.38
C PRO D 185 8.01 11.87 -18.64
N SER D 186 8.25 10.59 -18.87
CA SER D 186 9.03 10.16 -20.03
C SER D 186 8.41 10.65 -21.34
N VAL D 187 7.08 10.73 -21.38
CA VAL D 187 6.40 11.17 -22.60
C VAL D 187 6.49 12.70 -22.75
N ILE D 188 6.25 13.41 -21.65
CA ILE D 188 6.34 14.87 -21.66
C ILE D 188 7.76 15.24 -22.08
N ALA D 189 8.73 14.56 -21.50
CA ALA D 189 10.14 14.78 -21.84
C ALA D 189 10.37 14.51 -23.32
N GLY D 190 9.76 13.43 -23.82
CA GLY D 190 9.88 13.10 -25.23
C GLY D 190 9.42 14.25 -26.09
N ALA D 191 8.22 14.75 -25.82
CA ALA D 191 7.68 15.88 -26.59
C ALA D 191 8.56 17.14 -26.43
N ALA D 192 8.92 17.45 -25.19
CA ALA D 192 9.74 18.63 -24.93
C ALA D 192 11.06 18.56 -25.72
N PHE D 193 11.69 17.40 -25.72
CA PHE D 193 12.94 17.24 -26.46
C PHE D 193 12.73 17.47 -27.96
N HIS D 194 11.71 16.82 -28.53
CA HIS D 194 11.43 16.97 -29.95
C HIS D 194 11.07 18.40 -30.34
N LEU D 195 10.12 18.99 -29.62
CA LEU D 195 9.67 20.35 -29.90
C LEU D 195 10.82 21.34 -29.83
N ALA D 196 11.69 21.18 -28.83
CA ALA D 196 12.83 22.06 -28.67
C ALA D 196 13.80 21.82 -29.83
N LEU D 197 14.16 20.56 -30.04
CA LEU D 197 15.09 20.20 -31.12
C LEU D 197 14.55 20.71 -32.47
N TYR D 198 13.26 20.54 -32.70
CA TYR D 198 12.63 20.98 -33.94
C TYR D 198 12.66 22.51 -34.09
N THR D 199 12.37 23.21 -33.00
CA THR D 199 12.37 24.67 -33.02
C THR D 199 13.74 25.30 -33.22
N VAL D 200 14.76 24.71 -32.61
CA VAL D 200 16.10 25.26 -32.72
C VAL D 200 16.91 24.79 -33.93
N THR D 201 16.85 23.50 -34.24
CA THR D 201 17.64 22.97 -35.35
C THR D 201 16.86 22.35 -36.49
N GLY D 202 15.54 22.34 -36.39
CA GLY D 202 14.75 21.75 -37.45
C GLY D 202 14.82 20.23 -37.52
N GLN D 203 15.63 19.62 -36.66
CA GLN D 203 15.77 18.16 -36.64
C GLN D 203 14.59 17.60 -35.87
N SER D 204 14.46 16.27 -35.84
CA SER D 204 13.33 15.64 -35.15
C SER D 204 13.73 14.50 -34.23
N TRP D 205 12.76 14.06 -33.42
CA TRP D 205 12.95 12.97 -32.48
C TRP D 205 13.85 11.93 -33.19
N PRO D 206 15.12 11.83 -32.75
CA PRO D 206 16.13 10.91 -33.29
C PRO D 206 15.84 9.41 -33.19
N GLU D 207 16.32 8.68 -34.20
CA GLU D 207 16.13 7.24 -34.28
C GLU D 207 16.69 6.52 -33.04
N SER D 208 17.82 7.01 -32.53
CA SER D 208 18.44 6.41 -31.35
C SER D 208 17.53 6.47 -30.14
N LEU D 209 16.81 7.58 -29.96
CA LEU D 209 15.89 7.71 -28.82
C LEU D 209 14.63 6.89 -29.06
N ILE D 210 14.29 6.67 -30.32
CA ILE D 210 13.11 5.86 -30.64
C ILE D 210 13.42 4.46 -30.13
N ARG D 211 14.60 3.97 -30.47
CA ARG D 211 15.02 2.64 -30.04
C ARG D 211 15.13 2.57 -28.53
N LYS D 212 15.72 3.59 -27.93
CA LYS D 212 15.89 3.64 -26.48
C LYS D 212 14.57 3.67 -25.71
N THR D 213 13.68 4.57 -26.11
CA THR D 213 12.41 4.72 -25.41
C THR D 213 11.26 3.88 -25.95
N GLY D 214 11.33 3.52 -27.23
CA GLY D 214 10.26 2.76 -27.83
C GLY D 214 9.16 3.69 -28.28
N TYR D 215 9.35 4.99 -28.03
CA TYR D 215 8.36 5.99 -28.42
C TYR D 215 8.65 6.45 -29.84
N THR D 216 7.60 6.51 -30.65
CA THR D 216 7.74 6.98 -32.02
C THR D 216 7.21 8.40 -32.02
N LEU D 217 7.48 9.13 -33.09
CA LEU D 217 6.99 10.50 -33.15
C LEU D 217 5.47 10.43 -33.09
N GLU D 218 4.92 9.37 -33.67
CA GLU D 218 3.48 9.14 -33.70
C GLU D 218 2.90 9.00 -32.30
N SER D 219 3.59 8.26 -31.45
CA SER D 219 3.12 8.04 -30.08
C SER D 219 3.20 9.30 -29.23
N LEU D 220 4.15 10.17 -29.54
CA LEU D 220 4.31 11.41 -28.78
C LEU D 220 3.33 12.48 -29.23
N LYS D 221 2.76 12.31 -30.42
CA LYS D 221 1.84 13.27 -31.01
C LYS D 221 0.80 13.89 -30.06
N PRO D 222 -0.01 13.07 -29.38
CA PRO D 222 -1.02 13.63 -28.48
C PRO D 222 -0.42 14.63 -27.50
N CYS D 223 0.67 14.24 -26.84
CA CYS D 223 1.34 15.11 -25.87
C CYS D 223 2.02 16.28 -26.59
N LEU D 224 2.57 15.98 -27.75
CA LEU D 224 3.24 16.98 -28.57
C LEU D 224 2.27 18.09 -28.99
N MET D 225 1.06 17.70 -29.39
CA MET D 225 0.06 18.67 -29.81
C MET D 225 -0.28 19.60 -28.65
N ASP D 226 -0.40 19.00 -27.47
CA ASP D 226 -0.71 19.77 -26.25
C ASP D 226 0.42 20.73 -25.89
N LEU D 227 1.66 20.23 -25.89
CA LEU D 227 2.82 21.04 -25.53
C LEU D 227 3.00 22.20 -26.50
N HIS D 228 2.79 21.94 -27.78
CA HIS D 228 2.93 22.98 -28.80
C HIS D 228 1.92 24.09 -28.52
N GLN D 229 0.71 23.70 -28.14
CA GLN D 229 -0.36 24.64 -27.85
C GLN D 229 0.05 25.53 -26.66
N THR D 230 0.64 24.91 -25.64
CA THR D 230 1.11 25.60 -24.45
C THR D 230 2.25 26.56 -24.81
N TYR D 231 3.13 26.10 -25.69
CA TYR D 231 4.28 26.88 -26.13
C TYR D 231 3.79 28.13 -26.87
N LEU D 232 2.85 27.92 -27.77
CA LEU D 232 2.29 29.03 -28.55
C LEU D 232 1.60 30.08 -27.67
N LYS D 233 0.85 29.62 -26.68
CA LYS D 233 0.12 30.53 -25.79
C LYS D 233 0.90 31.02 -24.58
N ALA D 234 2.13 30.55 -24.40
CA ALA D 234 2.92 30.93 -23.23
C ALA D 234 2.91 32.41 -22.88
N PRO D 235 3.05 33.29 -23.88
CA PRO D 235 3.06 34.73 -23.59
C PRO D 235 1.73 35.26 -23.03
N GLN D 236 0.64 34.57 -23.31
CA GLN D 236 -0.69 34.95 -22.83
C GLN D 236 -1.09 34.26 -21.53
N HIS D 237 -0.25 33.35 -21.05
CA HIS D 237 -0.58 32.64 -19.82
C HIS D 237 -0.55 33.57 -18.62
N ALA D 238 -1.48 33.36 -17.69
CA ALA D 238 -1.56 34.18 -16.47
C ALA D 238 -0.28 34.04 -15.65
N GLN D 239 0.28 32.84 -15.61
CA GLN D 239 1.50 32.60 -14.87
C GLN D 239 2.69 32.81 -15.80
N GLN D 240 3.61 33.69 -15.39
CA GLN D 240 4.76 34.06 -16.20
C GLN D 240 6.15 33.84 -15.60
N SER D 241 6.24 33.30 -14.39
CA SER D 241 7.55 33.14 -13.77
C SER D 241 8.54 32.28 -14.58
N ILE D 242 8.04 31.24 -15.26
CA ILE D 242 8.93 30.40 -16.03
C ILE D 242 9.49 31.15 -17.24
N ARG D 243 8.64 31.86 -17.98
CA ARG D 243 9.13 32.61 -19.14
C ARG D 243 10.18 33.63 -18.70
N GLU D 244 9.94 34.30 -17.58
CA GLU D 244 10.88 35.29 -17.07
C GLU D 244 12.20 34.63 -16.73
N LYS D 245 12.13 33.50 -16.04
CA LYS D 245 13.31 32.76 -15.64
C LYS D 245 14.12 32.34 -16.88
N TYR D 246 13.42 31.90 -17.93
CA TYR D 246 14.12 31.45 -19.12
C TYR D 246 14.55 32.51 -20.12
N LYS D 247 14.47 33.78 -19.73
CA LYS D 247 14.99 34.78 -20.64
C LYS D 247 16.33 35.25 -20.07
N ASN D 248 16.78 34.55 -19.03
CA ASN D 248 18.08 34.82 -18.38
C ASN D 248 19.19 34.32 -19.29
N SER D 249 20.39 34.86 -19.12
CA SER D 249 21.51 34.44 -19.94
C SER D 249 21.85 32.98 -19.70
N LYS D 250 21.69 32.51 -18.46
CA LYS D 250 22.00 31.11 -18.18
C LYS D 250 21.18 30.15 -19.03
N TYR D 251 20.06 30.62 -19.59
CA TYR D 251 19.22 29.77 -20.44
C TYR D 251 19.14 30.31 -21.87
N HIS D 252 20.13 31.10 -22.23
CA HIS D 252 20.23 31.67 -23.58
C HIS D 252 18.95 32.34 -24.04
N GLY D 253 18.20 32.90 -23.09
CA GLY D 253 16.94 33.57 -23.41
C GLY D 253 15.99 32.82 -24.33
N VAL D 254 16.02 31.49 -24.29
CA VAL D 254 15.18 30.66 -25.15
C VAL D 254 13.69 30.93 -25.08
N SER D 255 13.21 31.50 -23.97
CA SER D 255 11.78 31.76 -23.86
C SER D 255 11.35 32.89 -24.77
N LEU D 256 12.32 33.54 -25.41
CA LEU D 256 12.03 34.62 -26.33
C LEU D 256 12.04 34.08 -27.77
N LEU D 257 12.47 32.84 -27.94
CA LEU D 257 12.47 32.25 -29.27
C LEU D 257 11.03 32.08 -29.74
N ASN D 258 10.82 32.20 -31.04
CA ASN D 258 9.48 32.05 -31.58
C ASN D 258 9.17 30.59 -31.86
N PRO D 259 8.04 30.12 -31.35
CA PRO D 259 7.65 28.72 -31.59
C PRO D 259 7.25 28.55 -33.05
N PRO D 260 7.45 27.36 -33.61
CA PRO D 260 7.07 27.18 -35.02
C PRO D 260 5.55 27.18 -35.18
N GLU D 261 5.07 27.62 -36.34
CA GLU D 261 3.64 27.68 -36.60
C GLU D 261 3.03 26.29 -36.61
N THR D 262 3.72 25.37 -37.25
CA THR D 262 3.23 23.99 -37.36
C THR D 262 4.34 23.00 -37.07
N LEU D 263 3.96 21.82 -36.60
CA LEU D 263 4.94 20.78 -36.31
C LEU D 263 5.12 19.88 -37.51
N ASN D 264 4.22 20.02 -38.49
CA ASN D 264 4.27 19.21 -39.71
C ASN D 264 4.43 17.74 -39.38
N LEU D 265 3.53 17.21 -38.55
CA LEU D 265 3.59 15.81 -38.16
C LEU D 265 2.76 14.93 -39.09
C1 SBC E . -24.79 12.85 14.22
C2 SBC E . -23.88 11.78 13.99
C3 SBC E . -23.90 11.10 12.71
C4 SBC E . -24.84 11.54 11.72
C5 SBC E . -25.72 12.60 11.96
C6 SBC E . -25.70 13.24 13.21
N7 SBC E . -23.10 10.12 12.45
C8 SBC E . -22.01 10.08 11.50
C9 SBC E . -21.47 8.77 11.58
C10 SBC E . -22.21 8.06 12.54
N11 SBC E . -23.19 8.91 13.05
C12 SBC E . -21.44 11.08 10.55
C13 SBC E . -20.14 8.37 10.82
C14 SBC E . -19.68 9.37 9.70
C15 SBC E . -20.36 10.78 9.72
C16 SBC E . -21.78 12.40 10.28
N17 SBC E . -20.09 11.89 8.97
N18 SBC E . -20.93 12.87 9.31
C19 SBC E . -22.01 6.59 12.99
N20 SBC E . -22.82 6.09 13.92
O21 SBC E . -21.13 5.88 12.50
S22 SBC E . -26.80 14.54 13.48
O23 SBC E . -28.37 13.96 13.55
O24 SBC E . -26.42 15.31 14.81
N25 SBC E . -26.70 15.64 12.17
S SO4 F . -52.66 6.70 -10.25
O1 SO4 F . -53.22 5.33 -10.17
O2 SO4 F . -51.46 6.72 -11.10
O3 SO4 F . -53.70 7.60 -10.82
O4 SO4 F . -52.31 7.18 -8.87
C1 SBC G . 26.98 -1.12 15.76
C2 SBC G . 25.99 -0.49 14.96
C3 SBC G . 26.04 -0.60 13.53
C4 SBC G . 27.10 -1.36 12.94
C5 SBC G . 28.07 -1.99 13.74
C6 SBC G . 28.00 -1.87 15.14
N7 SBC G . 25.17 -0.02 12.77
C8 SBC G . 23.96 -0.56 12.21
C9 SBC G . 23.37 0.49 11.44
C10 SBC G . 24.22 1.60 11.54
N11 SBC G . 25.29 1.26 12.35
C12 SBC G . 23.30 -1.88 12.31
C13 SBC G . 22.16 0.21 10.48
C14 SBC G . 21.36 -1.13 10.75
C15 SBC G . 22.10 -2.18 11.64
C16 SBC G . 23.65 -3.05 12.98
N17 SBC G . 21.75 -3.48 11.91
N18 SBC G . 22.69 -4.01 12.73
C19 SBC G . 24.04 2.99 10.88
N20 SBC G . 24.96 3.92 11.11
O21 SBC G . 23.08 3.26 10.18
S22 SBC G . 29.23 -2.63 16.12
O23 SBC G . 30.71 -2.59 15.32
O24 SBC G . 29.33 -1.97 17.55
N25 SBC G . 28.80 -4.30 16.35
S SO4 H . 7.40 39.52 -23.18
O1 SO4 H . 6.41 38.77 -23.98
O2 SO4 H . 7.11 39.33 -21.74
O3 SO4 H . 8.75 39.01 -23.50
O4 SO4 H . 7.32 40.96 -23.52
#